data_6NJ8
#
_entry.id   6NJ8
#
_cell.length_a   1
_cell.length_b   1
_cell.length_c   1
_cell.angle_alpha   90.00
_cell.angle_beta   90.00
_cell.angle_gamma   90.00
#
_symmetry.space_group_name_H-M   'P 1'
#
loop_
_entity.id
_entity.type
_entity.pdbx_description
1 polymer 'Encapsulating protein for a DyP-type peroxidase'
2 polymer 'targeting peptide'
#
loop_
_entity_poly.entity_id
_entity_poly.type
_entity_poly.pdbx_seq_one_letter_code
_entity_poly.pdbx_strand_id
1 'polypeptide(L)'
;MNKSQLYPDSPLTDQDFNQLDQTVIEAARRQLVGRRFIELYGPLGRGMQSVFNDIFMESHEAKMDFQGSFDTEVESSRRV
NYTIPMLYKDFVLYWRDLEQSKALDIPIDFSVAANAARDVAFLEDQMIFHGSKEFDIPGLMNVKGRLTHLIGNWYESGNA
FQDIVEARNKLLEMNHNGPYALVLSPELYSLLHRVHKDTNVLEIEHVRELITAGVFQSPVLKGKSGVIVNTGRNNLDLAI
SEDFETAYLGEEGMNHPFRVYETVVLRIKRPAAICTLIDPEE
;
A,B,C,D
2 'polypeptide(L)' TVGSLIQ E,F,G
#
# COMPACT_ATOMS: atom_id res chain seq x y z
N LEU A 6 9.32 37.26 3.96
CA LEU A 6 8.23 37.77 4.79
C LEU A 6 8.77 38.86 5.70
N TYR A 7 8.04 39.17 6.78
CA TYR A 7 8.43 40.17 7.76
C TYR A 7 8.60 39.49 9.12
N PRO A 8 9.79 38.92 9.40
CA PRO A 8 10.17 38.62 10.79
C PRO A 8 10.94 39.78 11.39
N ASP A 9 10.36 40.98 11.29
CA ASP A 9 11.04 42.27 11.46
C ASP A 9 12.33 42.33 10.66
N SER A 10 12.17 42.14 9.35
CA SER A 10 13.27 42.32 8.42
C SER A 10 13.65 43.80 8.37
N PRO A 11 14.93 44.14 8.07
CA PRO A 11 15.38 45.53 8.14
C PRO A 11 14.99 46.38 6.93
N LEU A 12 13.73 46.26 6.51
CA LEU A 12 13.15 47.07 5.46
C LEU A 12 11.69 47.27 5.81
N THR A 13 11.20 48.50 5.66
CA THR A 13 9.81 48.76 6.00
C THR A 13 8.89 48.19 4.93
N ASP A 14 7.59 48.30 5.16
CA ASP A 14 6.63 47.79 4.20
C ASP A 14 6.50 48.70 2.98
N GLN A 15 7.00 49.94 3.08
CA GLN A 15 6.88 50.92 2.02
C GLN A 15 8.05 50.87 1.05
N ASP A 16 9.27 50.70 1.55
CA ASP A 16 10.43 50.60 0.68
C ASP A 16 10.75 49.18 0.29
N PHE A 17 9.89 48.22 0.62
CA PHE A 17 10.08 46.88 0.10
C PHE A 17 9.65 46.80 -1.36
N ASN A 18 8.73 47.68 -1.78
CA ASN A 18 8.29 47.68 -3.17
C ASN A 18 9.36 48.21 -4.10
N GLN A 19 10.21 49.12 -3.62
CA GLN A 19 11.31 49.60 -4.44
C GLN A 19 12.37 48.53 -4.66
N LEU A 20 12.40 47.49 -3.83
CA LEU A 20 13.18 46.32 -4.17
C LEU A 20 12.48 45.49 -5.23
N ASP A 21 11.15 45.51 -5.26
CA ASP A 21 10.44 44.74 -6.26
C ASP A 21 10.31 45.48 -7.58
N GLN A 22 10.20 46.81 -7.55
CA GLN A 22 10.18 47.58 -8.79
C GLN A 22 11.55 47.68 -9.43
N THR A 23 12.61 47.28 -8.74
CA THR A 23 13.92 47.19 -9.37
C THR A 23 14.12 45.82 -10.01
N VAL A 24 13.60 44.77 -9.38
CA VAL A 24 13.72 43.43 -9.95
C VAL A 24 12.82 43.28 -11.17
N ILE A 25 11.55 43.65 -11.03
CA ILE A 25 10.57 43.43 -12.08
C ILE A 25 10.72 44.37 -13.27
N GLU A 26 11.54 45.41 -13.15
CA GLU A 26 11.78 46.32 -14.26
C GLU A 26 13.12 46.11 -14.93
N ALA A 27 14.10 45.54 -14.23
CA ALA A 27 15.35 45.19 -14.85
C ALA A 27 15.36 43.79 -15.42
N ALA A 28 14.34 42.99 -15.10
CA ALA A 28 14.26 41.65 -15.68
C ALA A 28 13.73 41.68 -17.09
N ARG A 29 12.69 42.48 -17.35
CA ARG A 29 11.97 42.40 -18.60
C ARG A 29 12.72 43.02 -19.78
N ARG A 30 13.85 43.68 -19.54
CA ARG A 30 14.69 44.03 -20.67
C ARG A 30 15.43 42.81 -21.22
N GLN A 31 15.71 41.83 -20.38
CA GLN A 31 16.59 40.73 -20.71
C GLN A 31 15.86 39.47 -21.16
N LEU A 32 14.54 39.46 -21.09
CA LEU A 32 13.76 38.23 -21.23
C LEU A 32 13.13 38.19 -22.62
N VAL A 33 13.66 37.32 -23.48
CA VAL A 33 13.04 37.06 -24.78
C VAL A 33 12.27 35.76 -24.78
N GLY A 34 12.16 35.11 -23.63
CA GLY A 34 11.41 33.88 -23.54
C GLY A 34 9.92 34.12 -23.64
N ARG A 35 9.39 34.94 -22.72
CA ARG A 35 7.95 35.17 -22.65
C ARG A 35 7.51 36.37 -23.46
N ARG A 36 8.19 36.68 -24.56
CA ARG A 36 7.74 37.74 -25.45
C ARG A 36 6.98 37.20 -26.65
N PHE A 37 6.89 35.88 -26.80
CA PHE A 37 5.99 35.30 -27.79
C PHE A 37 5.30 34.05 -27.27
N ILE A 38 5.34 33.81 -25.96
CA ILE A 38 4.76 32.63 -25.35
C ILE A 38 3.73 33.08 -24.32
N GLU A 39 2.51 32.57 -24.42
CA GLU A 39 1.45 32.99 -23.53
C GLU A 39 1.65 32.38 -22.15
N LEU A 40 1.44 33.18 -21.12
CA LEU A 40 1.60 32.72 -19.74
C LEU A 40 0.42 31.90 -19.31
N TYR A 41 0.67 30.86 -18.53
CA TYR A 41 -0.40 30.23 -17.78
C TYR A 41 -0.65 31.02 -16.51
N GLY A 42 -1.75 30.71 -15.84
CA GLY A 42 -2.15 31.43 -14.64
C GLY A 42 -1.23 31.16 -13.48
N PRO A 43 -1.34 31.96 -12.43
CA PRO A 43 -0.52 31.72 -11.24
C PRO A 43 -1.05 30.51 -10.50
N LEU A 44 -0.32 29.40 -10.57
CA LEU A 44 -0.80 28.14 -10.03
C LEU A 44 -0.81 28.10 -8.52
N GLY A 45 -0.16 29.03 -7.84
CA GLY A 45 -0.15 29.01 -6.41
C GLY A 45 0.84 27.99 -5.86
N ARG A 46 0.63 27.60 -4.61
CA ARG A 46 1.54 26.74 -3.92
C ARG A 46 0.93 25.40 -3.53
N GLY A 47 -0.23 25.06 -4.07
CA GLY A 47 -0.72 23.71 -3.94
C GLY A 47 -0.31 22.81 -5.09
N MET A 48 0.57 23.30 -5.96
CA MET A 48 0.90 22.62 -7.20
C MET A 48 2.42 22.54 -7.33
N GLN A 49 2.93 21.31 -7.46
CA GLN A 49 4.33 21.10 -7.81
C GLN A 49 4.49 20.34 -9.11
N SER A 50 3.42 19.84 -9.70
CA SER A 50 3.52 19.01 -10.88
C SER A 50 2.39 19.33 -11.84
N VAL A 51 2.73 19.45 -13.12
CA VAL A 51 1.75 19.76 -14.14
C VAL A 51 1.78 18.67 -15.20
N PHE A 52 0.67 18.55 -15.92
CA PHE A 52 0.53 17.62 -17.02
C PHE A 52 0.35 18.40 -18.32
N ASN A 53 0.67 17.75 -19.43
CA ASN A 53 0.42 18.35 -20.74
C ASN A 53 0.13 17.25 -21.74
N ASP A 54 -0.77 17.51 -22.67
CA ASP A 54 -1.22 16.50 -23.63
C ASP A 54 -0.50 16.71 -24.95
N ILE A 55 0.37 15.78 -25.31
CA ILE A 55 1.12 15.87 -26.55
C ILE A 55 0.26 15.27 -27.66
N PHE A 56 -0.38 16.12 -28.45
CA PHE A 56 -1.40 15.64 -29.39
C PHE A 56 -0.78 14.96 -30.60
N MET A 57 -0.02 15.71 -31.41
CA MET A 57 0.68 15.24 -32.61
C MET A 57 -0.26 14.65 -33.65
N GLU A 58 -1.51 15.12 -33.69
CA GLU A 58 -2.46 14.72 -34.72
C GLU A 58 -3.49 15.83 -34.88
N SER A 59 -4.11 15.88 -36.07
CA SER A 59 -5.02 16.97 -36.39
C SER A 59 -6.27 16.42 -37.06
N HIS A 60 -7.29 17.27 -37.14
CA HIS A 60 -8.52 16.98 -37.85
C HIS A 60 -9.07 18.31 -38.37
N GLU A 61 -10.35 18.31 -38.77
CA GLU A 61 -10.95 19.52 -39.31
C GLU A 61 -12.42 19.56 -38.91
N ALA A 62 -13.03 20.72 -39.14
CA ALA A 62 -14.40 20.96 -38.73
C ALA A 62 -15.37 20.36 -39.73
N LYS A 63 -16.66 20.62 -39.54
CA LYS A 63 -17.71 20.09 -40.40
C LYS A 63 -18.61 21.23 -40.88
N MET A 64 -19.55 20.90 -41.75
CA MET A 64 -20.39 21.91 -42.39
C MET A 64 -21.66 21.23 -42.87
N ASP A 65 -22.77 21.48 -42.19
CA ASP A 65 -24.08 20.94 -42.55
C ASP A 65 -25.16 21.84 -41.96
N PHE A 66 -26.40 21.38 -42.04
CA PHE A 66 -27.53 22.20 -41.62
C PHE A 66 -28.02 21.89 -40.21
N GLN A 67 -28.04 20.63 -39.82
CA GLN A 67 -28.34 20.27 -38.44
C GLN A 67 -27.13 19.56 -37.83
N GLY A 68 -27.15 19.45 -36.51
CA GLY A 68 -26.06 18.82 -35.82
C GLY A 68 -26.05 17.31 -36.00
N SER A 69 -24.89 16.72 -35.75
CA SER A 69 -24.73 15.28 -35.80
C SER A 69 -24.80 14.70 -34.39
N PHE A 70 -25.23 13.45 -34.31
CA PHE A 70 -25.40 12.82 -33.01
C PHE A 70 -24.07 12.40 -32.40
N ASP A 71 -23.10 12.02 -33.22
CA ASP A 71 -21.84 11.52 -32.71
C ASP A 71 -20.95 12.66 -32.21
N THR A 72 -19.84 12.29 -31.60
CA THR A 72 -18.91 13.24 -31.03
C THR A 72 -17.50 12.80 -31.41
N GLU A 73 -16.72 13.71 -31.97
CA GLU A 73 -15.36 13.40 -32.42
C GLU A 73 -14.36 14.20 -31.62
N VAL A 74 -13.39 13.49 -31.03
CA VAL A 74 -12.35 14.09 -30.21
C VAL A 74 -10.99 13.53 -30.63
N GLU A 75 -9.95 13.86 -29.89
CA GLU A 75 -8.58 13.49 -30.25
C GLU A 75 -7.95 12.61 -29.16
N SER A 76 -6.67 12.34 -29.32
CA SER A 76 -5.87 11.59 -28.36
C SER A 76 -4.96 12.54 -27.59
N SER A 77 -4.58 12.12 -26.38
CA SER A 77 -3.93 13.03 -25.43
C SER A 77 -2.48 12.66 -25.15
N ARG A 78 -2.21 11.44 -24.67
CA ARG A 78 -0.90 10.95 -24.27
C ARG A 78 -0.28 11.83 -23.18
N ARG A 79 -0.90 11.78 -22.00
CA ARG A 79 -0.52 12.66 -20.89
C ARG A 79 0.86 12.31 -20.35
N VAL A 80 1.68 13.34 -20.16
CA VAL A 80 3.02 13.21 -19.60
C VAL A 80 3.09 14.15 -18.41
N ASN A 81 3.69 13.69 -17.32
CA ASN A 81 3.79 14.46 -16.09
C ASN A 81 5.17 15.10 -15.95
N TYR A 82 5.20 16.36 -15.54
CA TYR A 82 6.43 17.09 -15.28
C TYR A 82 6.45 17.56 -13.84
N THR A 83 7.64 17.96 -13.39
CA THR A 83 7.81 18.64 -12.11
C THR A 83 8.20 20.08 -12.36
N ILE A 84 8.20 20.89 -11.30
CA ILE A 84 8.46 22.31 -11.45
C ILE A 84 9.77 22.68 -10.76
N PRO A 85 10.83 22.96 -11.49
CA PRO A 85 12.11 23.29 -10.87
C PRO A 85 12.11 24.71 -10.31
N MET A 86 13.13 24.99 -9.50
CA MET A 86 13.32 26.32 -8.95
C MET A 86 14.58 26.94 -9.53
N LEU A 87 14.61 28.27 -9.59
CA LEU A 87 15.73 29.02 -10.14
C LEU A 87 16.04 30.17 -9.19
N TYR A 88 17.21 30.16 -8.58
CA TYR A 88 17.56 31.21 -7.62
C TYR A 88 18.93 31.80 -7.91
N LYS A 89 19.16 32.99 -7.34
CA LYS A 89 20.46 33.63 -7.27
C LYS A 89 20.35 34.68 -6.19
N ASP A 90 21.31 34.70 -5.28
CA ASP A 90 21.19 35.49 -4.06
C ASP A 90 22.19 36.63 -4.01
N PHE A 91 21.77 37.74 -3.42
CA PHE A 91 22.62 38.90 -3.19
C PHE A 91 22.68 39.21 -1.71
N VAL A 92 23.34 40.31 -1.37
CA VAL A 92 23.59 40.64 0.04
C VAL A 92 23.76 42.16 0.17
N LEU A 93 23.03 42.74 1.11
CA LEU A 93 23.14 44.16 1.42
C LEU A 93 24.23 44.35 2.49
N TYR A 94 24.29 45.53 3.09
CA TYR A 94 25.35 45.79 4.04
C TYR A 94 24.86 46.70 5.15
N TRP A 95 24.97 46.23 6.39
CA TRP A 95 24.95 47.15 7.52
C TRP A 95 26.16 48.06 7.41
N ARG A 96 26.01 49.29 7.91
CA ARG A 96 26.84 50.50 7.77
C ARG A 96 26.69 51.10 6.39
N ASP A 97 25.83 50.56 5.57
CA ASP A 97 25.40 51.11 4.30
C ASP A 97 23.88 51.18 4.23
N LEU A 98 23.19 50.19 4.79
CA LEU A 98 21.76 50.34 5.04
C LEU A 98 21.51 51.32 6.16
N GLU A 99 22.38 51.34 7.17
CA GLU A 99 22.18 52.22 8.31
C GLU A 99 22.45 53.67 7.98
N GLN A 100 23.23 53.94 6.93
CA GLN A 100 23.40 55.31 6.47
C GLN A 100 22.08 55.85 5.92
N SER A 101 21.48 55.12 4.98
CA SER A 101 20.23 55.57 4.38
C SER A 101 19.06 55.46 5.34
N LYS A 102 19.15 54.61 6.36
CA LYS A 102 18.10 54.56 7.37
C LYS A 102 18.14 55.81 8.25
N ALA A 103 19.33 56.32 8.52
CA ALA A 103 19.50 57.45 9.42
C ALA A 103 19.59 58.79 8.73
N LEU A 104 19.82 58.81 7.42
CA LEU A 104 19.89 60.05 6.66
C LEU A 104 18.65 60.29 5.82
N ASP A 105 17.77 59.28 5.70
CA ASP A 105 16.49 59.35 4.98
C ASP A 105 16.69 59.68 3.50
N ILE A 106 17.65 59.01 2.88
CA ILE A 106 17.79 59.03 1.43
C ILE A 106 17.23 57.70 0.94
N PRO A 107 16.84 57.56 -0.33
CA PRO A 107 16.37 56.25 -0.80
C PRO A 107 17.50 55.25 -0.85
N ILE A 108 17.30 54.11 -0.18
CA ILE A 108 18.32 53.06 -0.16
C ILE A 108 18.42 52.42 -1.53
N ASP A 109 19.64 52.27 -2.03
CA ASP A 109 19.83 51.67 -3.34
C ASP A 109 19.79 50.16 -3.26
N PHE A 110 19.35 49.54 -4.34
CA PHE A 110 19.32 48.10 -4.49
C PHE A 110 19.95 47.70 -5.80
N SER A 111 21.06 48.34 -6.15
CA SER A 111 21.71 48.10 -7.42
C SER A 111 22.37 46.74 -7.53
N VAL A 112 22.54 46.03 -6.42
CA VAL A 112 22.98 44.65 -6.49
C VAL A 112 21.83 43.75 -6.91
N ALA A 113 20.59 44.14 -6.55
CA ALA A 113 19.44 43.31 -6.86
C ALA A 113 19.11 43.31 -8.35
N ALA A 114 19.49 44.36 -9.07
CA ALA A 114 19.31 44.33 -10.52
C ALA A 114 20.30 43.39 -11.18
N ASN A 115 21.49 43.24 -10.60
CA ASN A 115 22.45 42.30 -11.15
C ASN A 115 22.07 40.86 -10.83
N ALA A 116 21.40 40.65 -9.70
CA ALA A 116 21.01 39.29 -9.32
C ALA A 116 19.86 38.79 -10.20
N ALA A 117 18.84 39.63 -10.39
CA ALA A 117 17.70 39.24 -11.21
C ALA A 117 18.04 39.17 -12.69
N ARG A 118 19.15 39.76 -13.11
CA ARG A 118 19.56 39.62 -14.49
C ARG A 118 20.06 38.23 -14.79
N ASP A 119 20.68 37.57 -13.81
CA ASP A 119 21.22 36.24 -14.08
C ASP A 119 20.14 35.18 -14.11
N VAL A 120 19.12 35.31 -13.26
CA VAL A 120 18.06 34.32 -13.25
C VAL A 120 17.14 34.46 -14.46
N ALA A 121 17.20 35.59 -15.17
CA ALA A 121 16.49 35.68 -16.42
C ALA A 121 17.23 34.95 -17.53
N PHE A 122 18.56 35.02 -17.52
CA PHE A 122 19.34 34.25 -18.49
C PHE A 122 19.30 32.77 -18.19
N LEU A 123 19.13 32.41 -16.92
CA LEU A 123 18.96 31.00 -16.57
C LEU A 123 17.58 30.48 -16.94
N GLU A 124 16.61 31.36 -17.10
CA GLU A 124 15.32 30.93 -17.62
C GLU A 124 15.42 30.62 -19.10
N ASP A 125 16.08 31.51 -19.86
CA ASP A 125 16.24 31.26 -21.28
C ASP A 125 17.23 30.16 -21.58
N GLN A 126 18.08 29.80 -20.63
CA GLN A 126 18.85 28.57 -20.75
C GLN A 126 17.92 27.37 -20.65
N MET A 127 16.92 27.44 -19.77
CA MET A 127 16.02 26.32 -19.57
C MET A 127 14.98 26.25 -20.68
N ILE A 128 14.46 27.39 -21.12
CA ILE A 128 13.33 27.39 -22.04
C ILE A 128 13.76 27.13 -23.47
N PHE A 129 15.07 27.10 -23.74
CA PHE A 129 15.58 26.82 -25.06
C PHE A 129 16.41 25.55 -25.14
N HIS A 130 16.70 24.91 -24.01
CA HIS A 130 17.45 23.65 -24.05
C HIS A 130 16.93 22.58 -23.12
N GLY A 131 16.08 22.89 -22.15
CA GLY A 131 15.51 21.86 -21.31
C GLY A 131 16.43 21.43 -20.18
N SER A 132 15.90 21.36 -18.97
CA SER A 132 16.69 20.91 -17.84
C SER A 132 16.86 19.40 -17.92
N LYS A 133 18.11 18.95 -17.84
CA LYS A 133 18.40 17.54 -18.06
C LYS A 133 18.07 16.70 -16.83
N GLU A 134 18.10 17.28 -15.64
CA GLU A 134 17.86 16.50 -14.42
C GLU A 134 16.40 16.15 -14.25
N PHE A 135 15.51 17.10 -14.50
CA PHE A 135 14.07 16.85 -14.43
C PHE A 135 13.49 16.44 -15.77
N ASP A 136 14.35 16.14 -16.75
CA ASP A 136 14.06 15.55 -18.07
C ASP A 136 12.96 16.29 -18.86
N ILE A 137 12.66 17.53 -18.54
CA ILE A 137 11.63 18.27 -19.28
C ILE A 137 12.21 18.72 -20.61
N PRO A 138 11.51 18.54 -21.71
CA PRO A 138 12.12 18.75 -23.02
C PRO A 138 12.15 20.21 -23.40
N GLY A 139 13.27 20.63 -23.97
CA GLY A 139 13.44 22.00 -24.40
C GLY A 139 12.74 22.27 -25.70
N LEU A 140 12.92 23.50 -26.19
CA LEU A 140 12.32 23.88 -27.45
C LEU A 140 13.13 23.40 -28.63
N MET A 141 14.38 23.01 -28.41
CA MET A 141 15.21 22.42 -29.45
C MET A 141 15.48 20.94 -29.23
N ASN A 142 14.99 20.36 -28.14
CA ASN A 142 15.27 18.97 -27.81
C ASN A 142 14.05 18.07 -27.89
N VAL A 143 12.87 18.61 -28.25
CA VAL A 143 11.67 17.79 -28.32
C VAL A 143 11.74 16.88 -29.54
N LYS A 144 10.92 15.84 -29.53
CA LYS A 144 10.95 14.84 -30.60
C LYS A 144 9.87 15.14 -31.63
N GLY A 145 10.20 14.88 -32.90
CA GLY A 145 9.29 15.19 -33.99
C GLY A 145 9.15 16.68 -34.21
N ARG A 146 10.21 17.33 -34.69
CA ARG A 146 10.25 18.78 -34.63
C ARG A 146 10.78 19.41 -35.91
N LEU A 147 10.57 18.78 -37.06
CA LEU A 147 10.58 19.42 -38.39
C LEU A 147 11.92 20.10 -38.70
N THR A 148 12.97 19.29 -38.83
CA THR A 148 14.30 19.85 -39.03
C THR A 148 14.43 20.50 -40.40
N HIS A 149 15.43 21.37 -40.52
CA HIS A 149 15.71 22.05 -41.77
C HIS A 149 17.17 22.46 -41.81
N LEU A 150 17.80 22.27 -42.96
CA LEU A 150 19.22 22.53 -43.13
C LEU A 150 19.40 23.84 -43.88
N ILE A 151 20.43 24.59 -43.51
CA ILE A 151 20.70 25.89 -44.11
C ILE A 151 22.01 25.81 -44.87
N GLY A 152 22.25 26.80 -45.73
CA GLY A 152 23.54 26.89 -46.38
C GLY A 152 24.01 28.29 -46.72
N ASN A 153 25.16 28.67 -46.17
CA ASN A 153 25.94 29.85 -46.54
C ASN A 153 25.11 31.14 -46.43
N TRP A 154 24.77 31.46 -45.18
CA TRP A 154 23.88 32.57 -44.88
C TRP A 154 24.58 33.92 -44.94
N TYR A 155 25.27 34.20 -46.04
CA TYR A 155 26.16 35.35 -46.09
C TYR A 155 26.00 36.15 -47.38
N GLU A 156 25.56 35.49 -48.45
CA GLU A 156 25.60 36.08 -49.78
C GLU A 156 24.37 36.96 -50.01
N SER A 157 24.17 37.41 -51.24
CA SER A 157 23.12 38.36 -51.56
C SER A 157 21.80 37.61 -51.71
N GLY A 158 20.89 37.82 -50.77
CA GLY A 158 19.55 37.29 -50.91
C GLY A 158 19.42 35.81 -50.72
N ASN A 159 20.34 35.18 -49.99
CA ASN A 159 20.28 33.75 -49.74
C ASN A 159 19.60 33.42 -48.42
N ALA A 160 19.04 34.41 -47.73
CA ALA A 160 18.36 34.21 -46.47
C ALA A 160 16.86 34.08 -46.62
N PHE A 161 16.23 35.03 -47.31
CA PHE A 161 14.79 34.99 -47.53
C PHE A 161 14.40 33.81 -48.42
N GLN A 162 15.31 33.37 -49.29
CA GLN A 162 15.12 32.11 -49.97
C GLN A 162 15.21 30.95 -48.99
N ASP A 163 16.17 30.99 -48.08
CA ASP A 163 16.36 29.89 -47.15
C ASP A 163 15.38 29.91 -45.98
N ILE A 164 14.56 30.95 -45.86
CA ILE A 164 13.55 30.98 -44.81
C ILE A 164 12.15 30.75 -45.37
N VAL A 165 11.95 30.87 -46.68
CA VAL A 165 10.67 30.51 -47.26
C VAL A 165 10.56 29.01 -47.45
N GLU A 166 11.67 28.29 -47.38
CA GLU A 166 11.60 26.83 -47.40
C GLU A 166 11.06 26.30 -46.08
N ALA A 167 11.53 26.86 -44.97
CA ALA A 167 11.13 26.37 -43.66
C ALA A 167 9.69 26.71 -43.33
N ARG A 168 9.15 27.77 -43.92
CA ARG A 168 7.73 28.05 -43.73
C ARG A 168 6.89 27.03 -44.47
N ASN A 169 7.23 26.75 -45.74
CA ASN A 169 6.47 25.79 -46.52
C ASN A 169 6.69 24.36 -46.05
N LYS A 170 7.81 24.08 -45.39
CA LYS A 170 7.98 22.78 -44.75
C LYS A 170 7.05 22.63 -43.57
N LEU A 171 6.71 23.73 -42.92
CA LEU A 171 5.81 23.72 -41.78
C LEU A 171 4.36 23.97 -42.19
N LEU A 172 4.14 24.49 -43.39
CA LEU A 172 2.79 24.83 -43.82
C LEU A 172 2.03 23.64 -44.37
N GLU A 173 2.74 22.60 -44.81
CA GLU A 173 2.06 21.41 -45.31
C GLU A 173 1.53 20.53 -44.19
N MET A 174 1.98 20.75 -42.95
CA MET A 174 1.43 20.06 -41.79
C MET A 174 0.23 20.79 -41.22
N ASN A 175 -0.32 21.75 -41.96
CA ASN A 175 -1.51 22.52 -41.60
C ASN A 175 -1.32 23.28 -40.29
N HIS A 176 -0.26 24.07 -40.23
CA HIS A 176 -0.02 25.00 -39.14
C HIS A 176 0.30 26.35 -39.78
N ASN A 177 -0.75 27.13 -40.03
CA ASN A 177 -0.61 28.45 -40.65
C ASN A 177 -1.13 29.51 -39.69
N GLY A 178 -0.28 30.48 -39.37
CA GLY A 178 -0.61 31.51 -38.43
C GLY A 178 0.59 32.39 -38.17
N PRO A 179 0.54 33.18 -37.11
CA PRO A 179 1.65 34.11 -36.83
C PRO A 179 2.88 33.39 -36.33
N TYR A 180 3.93 33.32 -37.15
CA TYR A 180 5.15 32.62 -36.78
C TYR A 180 6.10 33.54 -36.05
N ALA A 181 6.81 33.01 -35.07
CA ALA A 181 7.91 33.73 -34.44
C ALA A 181 9.22 33.13 -34.89
N LEU A 182 10.31 33.82 -34.61
CA LEU A 182 11.61 33.41 -35.12
C LEU A 182 12.70 33.95 -34.21
N VAL A 183 13.48 33.05 -33.61
CA VAL A 183 14.59 33.42 -32.76
C VAL A 183 15.89 33.04 -33.45
N LEU A 184 16.89 33.90 -33.36
CA LEU A 184 18.15 33.66 -34.06
C LEU A 184 19.31 33.80 -33.11
N SER A 185 20.37 33.03 -33.39
CA SER A 185 21.62 33.16 -32.67
C SER A 185 22.23 34.53 -32.94
N PRO A 186 23.00 35.09 -31.99
CA PRO A 186 23.58 36.42 -32.21
C PRO A 186 24.64 36.46 -33.30
N GLU A 187 25.14 35.32 -33.75
CA GLU A 187 25.96 35.33 -34.95
C GLU A 187 25.11 35.57 -36.19
N LEU A 188 23.91 34.98 -36.24
CA LEU A 188 23.04 35.17 -37.40
C LEU A 188 22.47 36.57 -37.44
N TYR A 189 22.05 37.09 -36.29
CA TYR A 189 21.45 38.42 -36.26
C TYR A 189 22.49 39.50 -36.55
N SER A 190 23.76 39.21 -36.31
CA SER A 190 24.85 40.07 -36.74
C SER A 190 25.37 39.67 -38.12
N LEU A 191 24.57 38.93 -38.88
CA LEU A 191 24.91 38.57 -40.25
C LEU A 191 23.74 38.72 -41.19
N LEU A 192 22.53 38.87 -40.67
CA LEU A 192 21.35 39.00 -41.53
C LEU A 192 21.33 40.35 -42.21
N HIS A 193 21.20 41.42 -41.43
CA HIS A 193 21.29 42.77 -41.99
C HIS A 193 22.72 43.25 -41.91
N ARG A 194 23.31 43.55 -43.05
CA ARG A 194 24.68 44.03 -43.10
C ARG A 194 24.82 44.94 -44.30
N VAL A 195 26.06 45.24 -44.66
CA VAL A 195 26.37 45.97 -45.87
C VAL A 195 27.02 44.99 -46.84
N HIS A 196 26.74 45.19 -48.12
CA HIS A 196 27.06 44.17 -49.11
C HIS A 196 27.88 44.71 -50.27
N LYS A 197 28.05 43.87 -51.28
CA LYS A 197 28.63 44.30 -52.55
C LYS A 197 27.49 44.44 -53.56
N ASP A 198 27.37 45.64 -54.14
CA ASP A 198 26.49 46.09 -55.23
C ASP A 198 25.06 45.51 -55.20
N THR A 199 24.51 45.30 -54.01
CA THR A 199 23.19 44.71 -53.90
C THR A 199 22.30 45.58 -53.01
N ASN A 200 22.92 46.19 -51.98
CA ASN A 200 22.36 47.14 -51.02
C ASN A 200 20.95 46.84 -50.51
N VAL A 201 20.65 45.58 -50.25
CA VAL A 201 19.38 45.18 -49.66
C VAL A 201 19.58 44.87 -48.19
N LEU A 202 18.72 45.43 -47.34
CA LEU A 202 18.88 45.23 -45.90
C LEU A 202 18.46 43.83 -45.48
N GLU A 203 17.67 43.15 -46.30
CA GLU A 203 17.34 41.73 -46.16
C GLU A 203 16.57 41.41 -44.88
N ILE A 204 15.96 42.41 -44.24
CA ILE A 204 15.17 42.15 -43.04
C ILE A 204 13.75 42.63 -43.26
N GLU A 205 13.59 43.67 -44.09
CA GLU A 205 12.24 44.11 -44.44
C GLU A 205 11.58 43.18 -45.44
N HIS A 206 12.35 42.34 -46.12
CA HIS A 206 11.80 41.26 -46.91
C HIS A 206 11.45 40.04 -46.07
N VAL A 207 11.87 40.01 -44.80
CA VAL A 207 11.58 38.90 -43.92
C VAL A 207 10.60 39.29 -42.82
N ARG A 208 10.52 40.56 -42.46
CA ARG A 208 9.59 40.99 -41.41
C ARG A 208 8.14 40.85 -41.81
N GLU A 209 7.83 40.82 -43.10
CA GLU A 209 6.44 40.73 -43.52
C GLU A 209 5.92 39.30 -43.52
N LEU A 210 6.78 38.33 -43.82
CA LEU A 210 6.35 36.93 -43.77
C LEU A 210 6.14 36.47 -42.33
N ILE A 211 6.90 37.03 -41.40
CA ILE A 211 6.98 36.49 -40.05
C ILE A 211 5.88 37.04 -39.15
N THR A 212 5.72 38.37 -39.14
CA THR A 212 4.77 39.19 -38.36
C THR A 212 4.54 38.75 -36.91
N ALA A 213 5.59 38.29 -36.24
CA ALA A 213 5.60 38.29 -34.79
C ALA A 213 6.96 38.65 -34.22
N GLY A 214 7.94 38.98 -35.06
CA GLY A 214 9.21 39.50 -34.62
C GLY A 214 10.35 38.55 -34.94
N VAL A 215 11.52 39.13 -35.16
CA VAL A 215 12.76 38.39 -35.34
C VAL A 215 13.67 38.80 -34.19
N PHE A 216 13.76 37.97 -33.17
CA PHE A 216 14.49 38.35 -31.98
C PHE A 216 15.93 37.90 -32.07
N GLN A 217 16.66 37.99 -30.96
CA GLN A 217 18.07 37.65 -30.93
C GLN A 217 18.40 37.24 -29.50
N SER A 218 18.66 35.96 -29.29
CA SER A 218 18.90 35.45 -27.96
C SER A 218 20.30 34.90 -27.86
N PRO A 219 21.09 35.30 -26.86
CA PRO A 219 22.47 34.81 -26.76
C PRO A 219 22.59 33.40 -26.22
N VAL A 220 21.48 32.71 -25.95
CA VAL A 220 21.56 31.36 -25.42
C VAL A 220 21.95 30.38 -26.51
N LEU A 221 21.50 30.61 -27.74
CA LEU A 221 21.88 29.79 -28.88
C LEU A 221 23.32 30.15 -29.24
N LYS A 222 24.26 29.46 -28.61
CA LYS A 222 25.64 29.91 -28.63
C LYS A 222 26.37 29.60 -29.93
N GLY A 223 25.84 28.70 -30.75
CA GLY A 223 26.55 28.35 -31.96
C GLY A 223 26.15 29.32 -33.06
N LYS A 224 25.55 28.79 -34.11
CA LYS A 224 24.87 29.62 -35.10
C LYS A 224 23.68 28.84 -35.65
N SER A 225 22.52 29.05 -35.04
CA SER A 225 21.32 28.29 -35.36
C SER A 225 20.11 29.14 -35.03
N GLY A 226 18.92 28.56 -35.17
CA GLY A 226 17.70 29.31 -34.89
C GLY A 226 16.49 28.43 -35.12
N VAL A 227 15.34 28.93 -34.64
CA VAL A 227 14.09 28.19 -34.71
C VAL A 227 12.99 29.08 -35.29
N ILE A 228 12.04 28.45 -35.98
CA ILE A 228 10.81 29.09 -36.42
C ILE A 228 9.67 28.39 -35.70
N VAL A 229 8.94 29.13 -34.87
CA VAL A 229 7.89 28.55 -34.05
C VAL A 229 6.58 29.25 -34.35
N ASN A 230 5.50 28.47 -34.42
CA ASN A 230 4.17 29.06 -34.47
C ASN A 230 3.73 29.41 -33.05
N THR A 231 3.18 30.60 -32.89
CA THR A 231 2.79 31.08 -31.57
C THR A 231 1.40 30.56 -31.22
N GLY A 232 0.86 31.04 -30.10
CA GLY A 232 -0.48 30.69 -29.72
C GLY A 232 -0.55 29.90 -28.42
N ARG A 233 -1.63 30.10 -27.66
CA ARG A 233 -1.83 29.34 -26.43
C ARG A 233 -2.17 27.89 -26.76
N ASN A 234 -2.80 27.64 -27.90
CA ASN A 234 -3.19 26.30 -28.27
C ASN A 234 -2.03 25.42 -28.68
N ASN A 235 -0.83 25.98 -28.80
CA ASN A 235 0.34 25.24 -29.25
C ASN A 235 1.38 25.05 -28.16
N LEU A 236 1.81 26.12 -27.50
CA LEU A 236 2.77 25.99 -26.42
C LEU A 236 2.60 27.14 -25.45
N ASP A 237 2.79 26.87 -24.17
CA ASP A 237 2.65 27.89 -23.15
C ASP A 237 3.44 27.46 -21.93
N LEU A 238 3.93 28.43 -21.19
CA LEU A 238 4.71 28.16 -19.99
C LEU A 238 3.86 28.36 -18.75
N ALA A 239 4.14 27.57 -17.73
CA ALA A 239 3.33 27.51 -16.53
C ALA A 239 4.09 28.13 -15.37
N ILE A 240 3.47 29.11 -14.71
CA ILE A 240 4.06 29.77 -13.57
C ILE A 240 3.45 29.19 -12.30
N SER A 241 4.29 28.80 -11.36
CA SER A 241 3.79 28.51 -10.02
C SER A 241 4.02 29.65 -9.06
N GLU A 242 5.10 30.40 -9.25
CA GLU A 242 5.40 31.57 -8.45
C GLU A 242 6.28 32.49 -9.29
N ASP A 243 5.86 33.74 -9.43
CA ASP A 243 6.57 34.70 -10.27
C ASP A 243 7.80 35.22 -9.54
N PHE A 244 8.36 36.32 -10.04
CA PHE A 244 9.61 36.88 -9.51
C PHE A 244 9.38 37.42 -8.12
N GLU A 245 9.74 36.62 -7.12
CA GLU A 245 9.60 37.02 -5.73
C GLU A 245 10.96 37.03 -5.06
N THR A 246 11.06 37.84 -3.99
CA THR A 246 12.27 37.91 -3.19
C THR A 246 11.95 37.53 -1.76
N ALA A 247 12.97 37.08 -1.03
CA ALA A 247 12.77 36.64 0.34
C ALA A 247 13.99 36.99 1.16
N TYR A 248 13.92 36.74 2.46
CA TYR A 248 14.94 37.13 3.41
C TYR A 248 15.43 35.89 4.12
N LEU A 249 16.72 35.59 3.99
CA LEU A 249 17.23 34.33 4.53
C LEU A 249 17.50 34.43 6.03
N GLY A 250 18.45 35.27 6.42
CA GLY A 250 18.77 35.41 7.85
C GLY A 250 19.70 36.57 8.12
N GLU A 251 20.61 36.44 9.08
CA GLU A 251 21.55 37.55 9.40
C GLU A 251 22.94 36.97 9.65
N GLU A 252 23.42 36.08 8.78
CA GLU A 252 24.78 35.47 8.96
C GLU A 252 25.80 36.59 9.11
N GLY A 253 26.66 36.53 10.12
CA GLY A 253 27.68 37.57 10.35
C GLY A 253 27.05 38.83 10.91
N MET A 254 26.91 39.87 10.10
CA MET A 254 26.30 41.15 10.56
C MET A 254 25.63 41.84 9.37
N ASN A 255 25.62 41.19 8.21
CA ASN A 255 24.99 41.77 6.99
C ASN A 255 23.62 41.14 6.76
N HIS A 256 22.97 41.48 5.64
CA HIS A 256 21.66 40.95 5.31
C HIS A 256 21.68 40.37 3.91
N PRO A 257 21.49 39.06 3.75
CA PRO A 257 21.32 38.50 2.42
C PRO A 257 19.84 38.38 2.06
N PHE A 258 19.59 38.31 0.77
CA PHE A 258 18.26 38.08 0.22
C PHE A 258 18.39 37.02 -0.85
N ARG A 259 17.28 36.66 -1.50
CA ARG A 259 17.31 35.71 -2.59
C ARG A 259 16.15 35.97 -3.52
N VAL A 260 16.43 36.11 -4.81
CA VAL A 260 15.36 36.15 -5.80
C VAL A 260 15.13 34.73 -6.30
N TYR A 261 13.88 34.41 -6.64
CA TYR A 261 13.55 33.06 -7.06
C TYR A 261 12.29 33.09 -7.91
N GLU A 262 12.13 32.02 -8.69
CA GLU A 262 11.06 31.93 -9.67
C GLU A 262 10.93 30.49 -10.12
N THR A 263 9.69 29.99 -10.19
CA THR A 263 9.42 28.58 -10.47
C THR A 263 8.63 28.46 -11.77
N VAL A 264 9.30 28.04 -12.84
CA VAL A 264 8.74 28.07 -14.19
C VAL A 264 9.03 26.74 -14.86
N VAL A 265 8.01 26.14 -15.48
CA VAL A 265 8.21 25.04 -16.42
C VAL A 265 7.40 25.34 -17.69
N LEU A 266 8.02 25.14 -18.85
CA LEU A 266 7.35 25.28 -20.13
C LEU A 266 6.89 23.92 -20.63
N ARG A 267 5.62 23.85 -21.04
CA ARG A 267 5.06 22.62 -21.58
C ARG A 267 4.65 22.86 -23.02
N ILE A 268 5.13 22.02 -23.92
CA ILE A 268 4.73 22.04 -25.32
C ILE A 268 3.56 21.09 -25.50
N LYS A 269 2.64 21.42 -26.39
CA LYS A 269 1.50 20.57 -26.65
C LYS A 269 1.52 19.93 -28.02
N ARG A 270 1.91 20.67 -29.07
CA ARG A 270 1.97 20.11 -30.42
C ARG A 270 3.36 20.33 -30.99
N PRO A 271 4.23 19.32 -30.94
CA PRO A 271 5.63 19.52 -31.37
C PRO A 271 5.81 19.61 -32.86
N ALA A 272 4.76 19.44 -33.67
CA ALA A 272 4.88 19.53 -35.11
C ALA A 272 4.67 20.94 -35.63
N ALA A 273 4.81 21.95 -34.77
CA ALA A 273 4.69 23.34 -35.18
C ALA A 273 5.94 24.12 -34.78
N ILE A 274 7.08 23.47 -34.82
CA ILE A 274 8.38 24.08 -34.53
C ILE A 274 9.34 23.60 -35.61
N CYS A 275 10.04 24.52 -36.25
CA CYS A 275 11.04 24.18 -37.27
C CYS A 275 12.37 24.76 -36.84
N THR A 276 13.38 23.92 -36.71
CA THR A 276 14.68 24.31 -36.19
C THR A 276 15.69 24.35 -37.32
N LEU A 277 16.31 25.51 -37.53
CA LEU A 277 17.35 25.65 -38.54
C LEU A 277 18.62 24.99 -38.00
N ILE A 278 18.90 23.77 -38.47
CA ILE A 278 19.87 22.93 -37.77
C ILE A 278 21.31 23.32 -38.10
N ASP A 279 21.55 24.06 -39.19
CA ASP A 279 22.87 24.51 -39.64
C ASP A 279 23.89 23.40 -39.81
N PRO A 280 23.88 22.67 -40.93
CA PRO A 280 25.01 21.80 -41.26
C PRO A 280 26.29 22.61 -41.40
N GLU A 281 27.19 22.42 -40.44
CA GLU A 281 28.49 23.08 -40.44
C GLU A 281 29.59 22.12 -40.00
N GLU A 282 29.34 20.82 -40.08
CA GLU A 282 30.18 19.83 -39.44
C GLU A 282 30.46 18.64 -40.36
N LEU B 6 -54.74 -17.67 13.92
CA LEU B 6 -54.59 -17.10 12.57
C LEU B 6 -54.93 -18.14 11.50
N TYR B 7 -55.82 -19.08 11.84
CA TYR B 7 -56.26 -20.07 10.88
C TYR B 7 -57.79 -20.17 10.91
N PRO B 8 -58.45 -20.18 9.74
CA PRO B 8 -59.92 -20.10 9.70
C PRO B 8 -60.65 -21.30 10.27
N ASP B 9 -60.35 -22.50 9.78
CA ASP B 9 -61.04 -23.70 10.26
C ASP B 9 -60.18 -24.93 9.98
N SER B 10 -60.17 -25.84 10.95
CA SER B 10 -59.29 -27.00 10.96
C SER B 10 -59.72 -27.90 12.12
N PRO B 11 -59.39 -29.20 12.06
CA PRO B 11 -59.57 -30.05 13.25
C PRO B 11 -58.38 -30.04 14.17
N LEU B 12 -57.82 -28.86 14.43
CA LEU B 12 -56.68 -28.71 15.32
C LEU B 12 -56.77 -27.35 16.00
N THR B 13 -56.26 -27.28 17.21
CA THR B 13 -56.12 -26.00 17.87
C THR B 13 -55.00 -25.21 17.19
N ASP B 14 -55.14 -23.88 17.19
CA ASP B 14 -54.09 -23.03 16.64
C ASP B 14 -52.81 -23.11 17.44
N GLN B 15 -52.92 -23.36 18.76
CA GLN B 15 -51.76 -23.65 19.58
C GLN B 15 -51.15 -24.99 19.19
N ASP B 16 -51.95 -25.89 18.63
CA ASP B 16 -51.46 -27.17 18.17
C ASP B 16 -51.01 -27.08 16.71
N PHE B 17 -51.63 -26.21 15.92
CA PHE B 17 -51.34 -26.15 14.49
C PHE B 17 -49.94 -25.66 14.20
N ASN B 18 -49.45 -24.71 14.99
CA ASN B 18 -48.09 -24.23 14.76
C ASN B 18 -47.03 -25.14 15.36
N GLN B 19 -47.43 -26.19 16.07
CA GLN B 19 -46.48 -27.24 16.39
C GLN B 19 -46.21 -28.11 15.17
N LEU B 20 -47.17 -28.16 14.24
CA LEU B 20 -46.97 -28.88 13.00
C LEU B 20 -46.07 -28.12 12.04
N ASP B 21 -46.15 -26.79 12.05
CA ASP B 21 -45.22 -25.98 11.26
C ASP B 21 -43.82 -26.01 11.83
N GLN B 22 -43.66 -26.34 13.12
CA GLN B 22 -42.32 -26.51 13.67
C GLN B 22 -41.66 -27.76 13.12
N THR B 23 -42.32 -28.91 13.28
CA THR B 23 -41.71 -30.19 12.93
C THR B 23 -41.64 -30.44 11.43
N VAL B 24 -42.27 -29.60 10.61
CA VAL B 24 -42.15 -29.77 9.17
C VAL B 24 -40.94 -28.99 8.64
N ILE B 25 -40.43 -28.04 9.40
CA ILE B 25 -39.19 -27.37 9.05
C ILE B 25 -38.04 -27.79 9.94
N GLU B 26 -38.31 -28.41 11.08
CA GLU B 26 -37.23 -28.89 11.93
C GLU B 26 -36.61 -30.15 11.37
N ALA B 27 -37.42 -31.01 10.75
CA ALA B 27 -36.91 -32.17 10.05
C ALA B 27 -36.67 -31.89 8.58
N ALA B 28 -36.65 -30.63 8.19
CA ALA B 28 -36.34 -30.26 6.82
C ALA B 28 -34.95 -29.69 6.68
N ARG B 29 -34.53 -28.83 7.60
CA ARG B 29 -33.19 -28.27 7.56
C ARG B 29 -32.14 -29.30 7.96
N ARG B 30 -32.54 -30.40 8.58
CA ARG B 30 -31.61 -31.48 8.85
C ARG B 30 -31.22 -32.21 7.58
N GLN B 31 -32.12 -32.26 6.60
CA GLN B 31 -31.91 -33.03 5.39
C GLN B 31 -31.30 -32.22 4.25
N LEU B 32 -31.56 -30.92 4.22
CA LEU B 32 -31.25 -30.11 3.05
C LEU B 32 -29.75 -29.84 2.93
N VAL B 33 -29.22 -29.95 1.71
CA VAL B 33 -27.81 -29.69 1.45
C VAL B 33 -27.72 -28.74 0.26
N GLY B 34 -28.82 -28.60 -0.47
CA GLY B 34 -28.83 -27.69 -1.60
C GLY B 34 -28.81 -26.23 -1.19
N ARG B 35 -29.49 -25.90 -0.11
CA ARG B 35 -29.52 -24.53 0.40
C ARG B 35 -28.35 -24.23 1.31
N ARG B 36 -27.37 -25.11 1.40
CA ARG B 36 -26.29 -24.95 2.37
C ARG B 36 -25.26 -23.91 1.94
N PHE B 37 -25.08 -23.71 0.63
CA PHE B 37 -24.07 -22.78 0.17
C PHE B 37 -24.57 -21.84 -0.93
N ILE B 38 -25.87 -21.72 -1.14
CA ILE B 38 -26.42 -20.92 -2.22
C ILE B 38 -27.35 -19.89 -1.60
N GLU B 39 -26.93 -18.64 -1.57
CA GLU B 39 -27.76 -17.56 -1.06
C GLU B 39 -28.91 -17.34 -2.04
N LEU B 40 -30.14 -17.49 -1.55
CA LEU B 40 -31.24 -17.79 -2.46
C LEU B 40 -31.92 -16.54 -3.00
N TYR B 41 -32.69 -15.84 -2.17
CA TYR B 41 -33.51 -14.70 -2.54
C TYR B 41 -34.28 -14.31 -1.29
N GLY B 42 -35.09 -13.26 -1.37
CA GLY B 42 -36.22 -13.12 -0.48
C GLY B 42 -37.38 -13.92 -1.01
N PRO B 43 -38.58 -13.70 -0.49
CA PRO B 43 -39.77 -14.27 -1.12
C PRO B 43 -40.14 -13.50 -2.36
N LEU B 44 -41.12 -14.02 -3.09
CA LEU B 44 -41.59 -13.36 -4.31
C LEU B 44 -43.08 -13.12 -4.33
N GLY B 45 -43.81 -13.52 -3.29
CA GLY B 45 -45.26 -13.40 -3.30
C GLY B 45 -45.90 -14.44 -4.18
N ARG B 46 -47.23 -14.43 -4.19
CA ARG B 46 -47.94 -15.42 -4.97
C ARG B 46 -48.00 -15.06 -6.44
N GLY B 47 -47.94 -13.77 -6.77
CA GLY B 47 -48.18 -13.34 -8.13
C GLY B 47 -46.95 -13.27 -9.01
N MET B 48 -46.21 -14.37 -9.10
CA MET B 48 -44.99 -14.41 -9.90
C MET B 48 -44.77 -15.86 -10.28
N GLN B 49 -45.09 -16.22 -11.52
CA GLN B 49 -44.95 -17.59 -11.99
C GLN B 49 -43.82 -17.73 -13.00
N SER B 50 -43.00 -16.70 -13.19
CA SER B 50 -41.89 -16.79 -14.12
C SER B 50 -40.74 -15.94 -13.61
N VAL B 51 -39.52 -16.39 -13.89
CA VAL B 51 -38.32 -15.65 -13.52
C VAL B 51 -37.41 -15.56 -14.73
N PHE B 52 -36.63 -14.50 -14.79
CA PHE B 52 -35.67 -14.27 -15.87
C PHE B 52 -34.25 -14.42 -15.33
N ASN B 53 -33.38 -15.06 -16.09
CA ASN B 53 -31.97 -15.09 -15.76
C ASN B 53 -31.16 -14.78 -17.01
N ASP B 54 -30.03 -14.11 -16.80
CA ASP B 54 -29.21 -13.61 -17.89
C ASP B 54 -27.94 -14.45 -17.95
N ILE B 55 -27.89 -15.40 -18.89
CA ILE B 55 -26.70 -16.23 -19.03
C ILE B 55 -25.60 -15.37 -19.66
N PHE B 56 -24.61 -14.99 -18.86
CA PHE B 56 -23.60 -14.05 -19.32
C PHE B 56 -22.62 -14.71 -20.28
N MET B 57 -22.05 -15.84 -19.87
CA MET B 57 -21.17 -16.71 -20.65
C MET B 57 -19.85 -16.05 -21.06
N GLU B 58 -19.53 -14.87 -20.53
CA GLU B 58 -18.30 -14.18 -20.85
C GLU B 58 -18.03 -13.11 -19.79
N SER B 59 -16.79 -13.04 -19.32
CA SER B 59 -16.42 -12.04 -18.32
C SER B 59 -14.97 -11.67 -18.50
N HIS B 60 -14.64 -10.44 -18.13
CA HIS B 60 -13.27 -9.95 -18.23
C HIS B 60 -13.04 -8.88 -17.18
N GLU B 61 -11.81 -8.37 -17.13
CA GLU B 61 -11.31 -7.60 -16.00
C GLU B 61 -11.70 -6.14 -16.12
N ALA B 62 -11.10 -5.30 -15.28
CA ALA B 62 -11.37 -3.88 -15.23
C ALA B 62 -10.33 -3.13 -16.06
N LYS B 63 -10.34 -1.81 -15.97
CA LYS B 63 -9.39 -0.97 -16.66
C LYS B 63 -8.95 0.15 -15.73
N MET B 64 -7.74 0.65 -15.94
CA MET B 64 -7.15 1.55 -14.94
C MET B 64 -6.49 2.78 -15.54
N ASP B 65 -6.79 3.13 -16.79
CA ASP B 65 -5.98 4.09 -17.53
C ASP B 65 -5.96 5.53 -16.99
N PHE B 66 -7.06 6.27 -17.10
CA PHE B 66 -7.03 7.70 -16.84
C PHE B 66 -8.47 8.16 -16.59
N GLN B 67 -8.72 9.46 -16.74
CA GLN B 67 -9.94 10.13 -16.28
C GLN B 67 -11.24 9.52 -16.82
N GLY B 68 -11.19 8.71 -17.85
CA GLY B 68 -12.35 7.93 -18.23
C GLY B 68 -12.26 7.50 -19.69
N SER B 69 -13.39 7.03 -20.19
CA SER B 69 -13.55 6.66 -21.57
C SER B 69 -14.91 7.14 -22.05
N PHE B 70 -15.22 6.84 -23.31
CA PHE B 70 -16.46 7.33 -23.92
C PHE B 70 -17.40 6.20 -24.29
N ASP B 71 -17.29 5.05 -23.64
CA ASP B 71 -18.20 3.94 -23.90
C ASP B 71 -18.32 3.08 -22.64
N THR B 72 -19.34 2.24 -22.64
CA THR B 72 -19.62 1.33 -21.54
C THR B 72 -19.41 -0.09 -22.05
N GLU B 73 -18.20 -0.62 -21.84
CA GLU B 73 -17.87 -1.96 -22.30
C GLU B 73 -18.50 -2.96 -21.34
N VAL B 74 -19.67 -3.46 -21.71
CA VAL B 74 -20.41 -4.42 -20.91
C VAL B 74 -20.40 -5.77 -21.63
N GLU B 75 -20.80 -6.81 -20.91
CA GLU B 75 -20.86 -8.14 -21.50
C GLU B 75 -22.19 -8.32 -22.23
N SER B 76 -22.40 -9.52 -22.74
CA SER B 76 -23.66 -9.88 -23.37
C SER B 76 -24.65 -10.33 -22.31
N SER B 77 -25.93 -10.43 -22.70
CA SER B 77 -26.98 -10.75 -21.75
C SER B 77 -27.64 -12.10 -22.03
N ARG B 78 -28.22 -12.28 -23.22
CA ARG B 78 -28.87 -13.51 -23.67
C ARG B 78 -29.96 -13.98 -22.71
N ARG B 79 -31.01 -13.15 -22.63
CA ARG B 79 -32.07 -13.34 -21.63
C ARG B 79 -32.90 -14.58 -21.95
N VAL B 80 -33.13 -15.42 -20.93
CA VAL B 80 -33.89 -16.65 -21.05
C VAL B 80 -34.99 -16.64 -19.99
N ASN B 81 -36.19 -17.08 -20.37
CA ASN B 81 -37.35 -17.12 -19.48
C ASN B 81 -37.51 -18.49 -18.85
N TYR B 82 -37.80 -18.51 -17.56
CA TYR B 82 -38.05 -19.75 -16.82
C TYR B 82 -39.45 -19.75 -16.24
N THR B 83 -39.90 -20.92 -15.82
CA THR B 83 -41.17 -21.08 -15.11
C THR B 83 -40.92 -21.74 -13.76
N ILE B 84 -41.86 -21.56 -12.84
CA ILE B 84 -41.66 -21.97 -11.46
C ILE B 84 -42.49 -23.23 -11.21
N PRO B 85 -41.87 -24.37 -10.96
CA PRO B 85 -42.62 -25.60 -10.69
C PRO B 85 -43.16 -25.61 -9.26
N MET B 86 -43.83 -26.70 -8.92
CA MET B 86 -44.30 -26.94 -7.56
C MET B 86 -43.95 -28.35 -7.16
N LEU B 87 -43.31 -28.49 -6.00
CA LEU B 87 -42.89 -29.78 -5.47
C LEU B 87 -43.71 -30.04 -4.23
N TYR B 88 -44.41 -31.19 -4.20
CA TYR B 88 -45.32 -31.43 -3.09
C TYR B 88 -45.33 -32.90 -2.72
N LYS B 89 -45.90 -33.17 -1.55
CA LYS B 89 -46.08 -34.50 -1.01
C LYS B 89 -47.16 -34.40 0.04
N ASP B 90 -48.04 -35.39 0.09
CA ASP B 90 -49.22 -35.35 0.95
C ASP B 90 -49.17 -36.44 2.01
N PHE B 91 -49.69 -36.14 3.18
CA PHE B 91 -49.77 -37.10 4.26
C PHE B 91 -51.15 -37.06 4.87
N VAL B 92 -51.50 -38.12 5.58
CA VAL B 92 -52.84 -38.33 6.12
C VAL B 92 -52.74 -38.47 7.63
N LEU B 93 -53.68 -37.84 8.34
CA LEU B 93 -53.64 -37.77 9.80
C LEU B 93 -54.97 -38.30 10.30
N TYR B 94 -54.94 -39.49 10.88
CA TYR B 94 -56.15 -40.29 11.05
C TYR B 94 -57.07 -39.74 12.13
N TRP B 95 -58.37 -39.82 11.88
CA TRP B 95 -59.35 -39.86 12.94
C TRP B 95 -59.23 -41.20 13.66
N ARG B 96 -59.72 -41.25 14.91
CA ARG B 96 -59.75 -42.35 15.88
C ARG B 96 -58.39 -42.55 16.51
N ASP B 97 -57.35 -41.88 16.04
CA ASP B 97 -56.11 -41.70 16.77
C ASP B 97 -55.95 -40.26 17.23
N LEU B 98 -56.36 -39.32 16.39
CA LEU B 98 -56.52 -37.94 16.84
C LEU B 98 -57.61 -37.83 17.89
N GLU B 99 -58.67 -38.64 17.75
CA GLU B 99 -59.72 -38.63 18.76
C GLU B 99 -59.27 -39.33 20.03
N GLN B 100 -58.48 -40.38 19.88
CA GLN B 100 -58.01 -41.13 21.05
C GLN B 100 -56.97 -40.35 21.84
N SER B 101 -56.15 -39.56 21.15
CA SER B 101 -55.20 -38.70 21.84
C SER B 101 -55.88 -37.54 22.53
N LYS B 102 -57.10 -37.20 22.13
CA LYS B 102 -57.81 -36.08 22.71
C LYS B 102 -58.58 -36.46 23.98
N ALA B 103 -59.01 -37.71 24.08
CA ALA B 103 -59.89 -38.08 25.19
C ALA B 103 -59.12 -38.21 26.50
N LEU B 104 -57.96 -38.85 26.47
CA LEU B 104 -57.18 -39.10 27.67
C LEU B 104 -55.89 -38.27 27.71
N ASP B 105 -55.79 -37.25 26.85
CA ASP B 105 -54.80 -36.18 26.91
C ASP B 105 -53.36 -36.67 26.78
N ILE B 106 -53.06 -37.22 25.62
CA ILE B 106 -51.69 -37.52 25.20
C ILE B 106 -51.33 -36.52 24.10
N PRO B 107 -50.15 -35.89 24.15
CA PRO B 107 -49.73 -35.03 23.03
C PRO B 107 -49.56 -35.84 21.74
N ILE B 108 -50.15 -35.32 20.68
CA ILE B 108 -50.23 -36.02 19.40
C ILE B 108 -48.86 -36.03 18.72
N ASP B 109 -48.51 -37.16 18.13
CA ASP B 109 -47.29 -37.27 17.35
C ASP B 109 -47.57 -36.91 15.90
N PHE B 110 -46.68 -36.12 15.31
CA PHE B 110 -46.78 -35.76 13.90
C PHE B 110 -45.68 -36.42 13.08
N SER B 111 -45.27 -37.63 13.47
CA SER B 111 -44.12 -38.26 12.84
C SER B 111 -44.45 -38.91 11.50
N VAL B 112 -45.60 -38.61 10.92
CA VAL B 112 -45.79 -38.80 9.49
C VAL B 112 -45.38 -37.56 8.73
N ALA B 113 -45.62 -36.39 9.33
CA ALA B 113 -45.34 -35.13 8.65
C ALA B 113 -43.84 -34.88 8.52
N ALA B 114 -43.08 -35.20 9.56
CA ALA B 114 -41.63 -35.09 9.47
C ALA B 114 -41.07 -36.09 8.48
N ASN B 115 -41.74 -37.23 8.31
CA ASN B 115 -41.36 -38.13 7.24
C ASN B 115 -41.77 -37.59 5.88
N ALA B 116 -42.78 -36.72 5.83
CA ALA B 116 -43.24 -36.20 4.55
C ALA B 116 -42.35 -35.09 4.03
N ALA B 117 -41.85 -34.23 4.91
CA ALA B 117 -40.96 -33.16 4.50
C ALA B 117 -39.57 -33.64 4.15
N ARG B 118 -39.25 -34.91 4.42
CA ARG B 118 -38.00 -35.46 3.92
C ARG B 118 -38.07 -35.67 2.42
N ASP B 119 -39.17 -36.24 1.93
CA ASP B 119 -39.27 -36.57 0.52
C ASP B 119 -39.47 -35.35 -0.37
N VAL B 120 -40.00 -34.25 0.17
CA VAL B 120 -40.09 -33.04 -0.63
C VAL B 120 -38.78 -32.26 -0.60
N ALA B 121 -37.89 -32.57 0.33
CA ALA B 121 -36.57 -31.95 0.36
C ALA B 121 -35.51 -32.81 -0.34
N PHE B 122 -35.87 -34.01 -0.77
CA PHE B 122 -35.01 -34.81 -1.62
C PHE B 122 -35.43 -34.75 -3.08
N LEU B 123 -36.72 -34.60 -3.34
CA LEU B 123 -37.19 -34.32 -4.69
C LEU B 123 -36.78 -32.93 -5.13
N GLU B 124 -36.67 -32.00 -4.18
CA GLU B 124 -36.10 -30.70 -4.48
C GLU B 124 -34.62 -30.82 -4.81
N ASP B 125 -33.94 -31.80 -4.22
CA ASP B 125 -32.50 -31.90 -4.39
C ASP B 125 -32.08 -32.52 -5.70
N GLN B 126 -33.00 -33.07 -6.48
CA GLN B 126 -32.62 -33.60 -7.78
C GLN B 126 -32.66 -32.52 -8.85
N MET B 127 -33.63 -31.61 -8.77
CA MET B 127 -33.73 -30.56 -9.77
C MET B 127 -32.65 -29.51 -9.61
N ILE B 128 -31.99 -29.44 -8.45
CA ILE B 128 -30.90 -28.51 -8.25
C ILE B 128 -29.58 -29.10 -8.70
N PHE B 129 -29.51 -30.40 -8.95
CA PHE B 129 -28.30 -31.05 -9.43
C PHE B 129 -28.42 -31.52 -10.86
N HIS B 130 -29.42 -32.36 -11.15
CA HIS B 130 -29.60 -32.89 -12.49
C HIS B 130 -30.62 -32.12 -13.32
N GLY B 131 -31.46 -31.31 -12.68
CA GLY B 131 -32.35 -30.43 -13.40
C GLY B 131 -33.60 -31.13 -13.89
N SER B 132 -34.65 -30.33 -14.07
CA SER B 132 -35.93 -30.84 -14.54
C SER B 132 -35.88 -31.16 -16.03
N LYS B 133 -36.96 -31.77 -16.50
CA LYS B 133 -37.10 -32.09 -17.93
C LYS B 133 -38.36 -31.50 -18.54
N GLU B 134 -39.49 -31.55 -17.84
CA GLU B 134 -40.73 -31.03 -18.39
C GLU B 134 -40.76 -29.51 -18.43
N PHE B 135 -39.90 -28.84 -17.66
CA PHE B 135 -39.74 -27.40 -17.75
C PHE B 135 -38.34 -27.03 -18.25
N ASP B 136 -37.54 -28.02 -18.66
CA ASP B 136 -36.15 -27.97 -19.12
C ASP B 136 -35.26 -26.99 -18.36
N ILE B 137 -35.41 -26.93 -17.05
CA ILE B 137 -34.52 -26.10 -16.23
C ILE B 137 -33.19 -26.83 -16.09
N PRO B 138 -32.07 -26.19 -16.42
CA PRO B 138 -30.79 -26.90 -16.40
C PRO B 138 -30.30 -27.16 -14.99
N GLY B 139 -29.69 -28.32 -14.79
CA GLY B 139 -29.14 -28.67 -13.50
C GLY B 139 -27.74 -28.14 -13.33
N LEU B 140 -27.15 -28.47 -12.17
CA LEU B 140 -25.82 -28.00 -11.87
C LEU B 140 -24.75 -28.82 -12.56
N MET B 141 -25.11 -29.97 -13.14
CA MET B 141 -24.19 -30.77 -13.92
C MET B 141 -24.70 -30.99 -15.34
N ASN B 142 -25.49 -30.04 -15.85
CA ASN B 142 -26.04 -30.18 -17.19
C ASN B 142 -25.99 -28.92 -18.02
N VAL B 143 -25.43 -27.82 -17.52
CA VAL B 143 -25.40 -26.56 -18.24
C VAL B 143 -24.36 -26.62 -19.35
N LYS B 144 -24.40 -25.67 -20.26
CA LYS B 144 -23.44 -25.61 -21.35
C LYS B 144 -22.29 -24.69 -20.98
N GLY B 145 -21.07 -25.11 -21.31
CA GLY B 145 -19.88 -24.38 -20.90
C GLY B 145 -19.65 -24.51 -19.41
N ARG B 146 -19.34 -25.72 -18.95
CA ARG B 146 -19.30 -26.01 -17.53
C ARG B 146 -17.94 -26.49 -17.04
N LEU B 147 -16.89 -26.41 -17.87
CA LEU B 147 -15.49 -26.65 -17.49
C LEU B 147 -15.26 -28.05 -16.94
N THR B 148 -15.48 -29.05 -17.80
CA THR B 148 -15.39 -30.43 -17.32
C THR B 148 -13.94 -30.83 -17.07
N HIS B 149 -13.77 -31.88 -16.28
CA HIS B 149 -12.44 -32.34 -15.87
C HIS B 149 -12.52 -33.80 -15.46
N LEU B 150 -11.68 -34.63 -16.07
CA LEU B 150 -11.70 -36.06 -15.83
C LEU B 150 -10.46 -36.50 -15.06
N ILE B 151 -10.64 -37.50 -14.20
CA ILE B 151 -9.61 -37.99 -13.30
C ILE B 151 -9.81 -39.50 -13.12
N GLY B 152 -8.94 -40.10 -12.31
CA GLY B 152 -9.03 -41.52 -12.06
C GLY B 152 -8.07 -41.95 -10.98
N ASN B 153 -8.39 -43.10 -10.38
CA ASN B 153 -7.58 -43.78 -9.36
C ASN B 153 -7.33 -42.87 -8.15
N TRP B 154 -8.43 -42.58 -7.48
CA TRP B 154 -8.46 -41.54 -6.45
C TRP B 154 -7.68 -41.93 -5.20
N TYR B 155 -7.49 -43.23 -4.94
CA TYR B 155 -6.90 -43.68 -3.69
C TYR B 155 -5.73 -44.62 -3.99
N GLU B 156 -4.55 -44.03 -4.19
CA GLU B 156 -3.31 -44.81 -4.13
C GLU B 156 -2.41 -44.31 -3.02
N SER B 157 -1.91 -43.08 -3.08
CA SER B 157 -1.18 -42.54 -1.93
C SER B 157 -1.71 -41.19 -1.48
N GLY B 158 -1.63 -40.19 -2.35
CA GLY B 158 -1.96 -38.84 -1.99
C GLY B 158 -2.50 -38.00 -3.13
N ASN B 159 -2.79 -38.62 -4.27
CA ASN B 159 -3.18 -37.88 -5.46
C ASN B 159 -4.62 -37.39 -5.41
N ALA B 160 -5.34 -37.65 -4.33
CA ALA B 160 -6.64 -37.03 -4.12
C ALA B 160 -6.51 -35.52 -4.00
N PHE B 161 -5.59 -35.05 -3.17
CA PHE B 161 -5.34 -33.63 -3.03
C PHE B 161 -4.74 -33.04 -4.30
N GLN B 162 -3.99 -33.84 -5.04
CA GLN B 162 -3.41 -33.36 -6.29
C GLN B 162 -4.49 -33.17 -7.35
N ASP B 163 -5.53 -33.99 -7.31
CA ASP B 163 -6.50 -34.04 -8.40
C ASP B 163 -7.42 -32.84 -8.45
N ILE B 164 -7.48 -32.00 -7.41
CA ILE B 164 -8.36 -30.84 -7.45
C ILE B 164 -7.60 -29.52 -7.56
N VAL B 165 -6.31 -29.49 -7.27
CA VAL B 165 -5.56 -28.25 -7.52
C VAL B 165 -5.41 -28.04 -9.01
N GLU B 166 -5.31 -29.12 -9.78
CA GLU B 166 -5.42 -29.04 -11.23
C GLU B 166 -6.83 -28.71 -11.68
N ALA B 167 -7.83 -28.96 -10.83
CA ALA B 167 -9.21 -28.64 -11.21
C ALA B 167 -9.52 -27.16 -10.98
N ARG B 168 -8.98 -26.57 -9.91
CA ARG B 168 -9.22 -25.15 -9.70
C ARG B 168 -8.39 -24.28 -10.62
N ASN B 169 -7.33 -24.82 -11.23
CA ASN B 169 -6.53 -24.03 -12.15
C ASN B 169 -7.26 -23.79 -13.47
N LYS B 170 -8.09 -24.75 -13.91
CA LYS B 170 -8.97 -24.50 -15.03
C LYS B 170 -10.06 -23.51 -14.67
N LEU B 171 -10.35 -23.35 -13.38
CA LEU B 171 -11.36 -22.40 -12.95
C LEU B 171 -10.75 -21.06 -12.56
N LEU B 172 -9.45 -21.01 -12.31
CA LEU B 172 -8.82 -19.75 -11.94
C LEU B 172 -8.38 -18.94 -13.15
N GLU B 173 -8.03 -19.61 -14.25
CA GLU B 173 -7.53 -18.87 -15.41
C GLU B 173 -8.63 -18.18 -16.20
N MET B 174 -9.90 -18.53 -15.97
CA MET B 174 -11.02 -17.83 -16.58
C MET B 174 -11.59 -16.76 -15.66
N ASN B 175 -10.74 -16.18 -14.81
CA ASN B 175 -11.06 -15.07 -13.90
C ASN B 175 -12.21 -15.43 -12.96
N HIS B 176 -12.01 -16.50 -12.20
CA HIS B 176 -12.94 -16.84 -11.13
C HIS B 176 -12.14 -17.40 -9.98
N ASN B 177 -12.26 -16.74 -8.83
CA ASN B 177 -11.48 -17.07 -7.65
C ASN B 177 -12.36 -16.79 -6.44
N GLY B 178 -11.74 -16.68 -5.27
CA GLY B 178 -12.49 -16.36 -4.08
C GLY B 178 -12.97 -17.61 -3.38
N PRO B 179 -14.11 -17.52 -2.71
CA PRO B 179 -14.55 -18.62 -1.84
C PRO B 179 -15.16 -19.75 -2.66
N TYR B 180 -14.66 -20.95 -2.46
CA TYR B 180 -15.06 -22.08 -3.28
C TYR B 180 -15.97 -23.00 -2.48
N ALA B 181 -16.49 -24.04 -3.13
CA ALA B 181 -17.30 -25.03 -2.46
C ALA B 181 -17.21 -26.32 -3.25
N LEU B 182 -17.22 -27.44 -2.54
CA LEU B 182 -17.06 -28.75 -3.16
C LEU B 182 -18.18 -29.66 -2.70
N VAL B 183 -18.77 -30.41 -3.63
CA VAL B 183 -19.79 -31.38 -3.32
C VAL B 183 -19.35 -32.72 -3.88
N LEU B 184 -19.22 -33.72 -3.02
CA LEU B 184 -18.74 -35.02 -3.42
C LEU B 184 -19.77 -36.10 -3.15
N SER B 185 -19.81 -37.08 -4.03
CA SER B 185 -20.69 -38.22 -3.89
C SER B 185 -20.25 -39.08 -2.72
N PRO B 186 -21.14 -39.90 -2.15
CA PRO B 186 -20.76 -40.71 -0.97
C PRO B 186 -19.70 -41.76 -1.24
N GLU B 187 -19.45 -42.13 -2.49
CA GLU B 187 -18.32 -42.99 -2.78
C GLU B 187 -17.01 -42.24 -2.63
N LEU B 188 -16.95 -41.00 -3.14
CA LEU B 188 -15.71 -40.24 -3.08
C LEU B 188 -15.42 -39.71 -1.68
N TYR B 189 -16.45 -39.49 -0.87
CA TYR B 189 -16.22 -38.91 0.44
C TYR B 189 -15.62 -39.92 1.40
N SER B 190 -15.90 -41.21 1.20
CA SER B 190 -15.30 -42.24 2.04
C SER B 190 -13.83 -42.40 1.75
N LEU B 191 -13.41 -42.17 0.50
CA LEU B 191 -12.01 -42.32 0.14
C LEU B 191 -11.16 -41.15 0.63
N LEU B 192 -11.78 -40.04 0.97
CA LEU B 192 -11.06 -38.84 1.34
C LEU B 192 -10.77 -38.80 2.83
N HIS B 193 -11.20 -39.82 3.58
CA HIS B 193 -10.92 -39.90 5.01
C HIS B 193 -9.74 -40.82 5.31
N ARG B 194 -8.92 -41.12 4.31
CA ARG B 194 -7.69 -41.86 4.53
C ARG B 194 -6.66 -40.97 5.24
N VAL B 195 -5.58 -41.58 5.66
CA VAL B 195 -4.47 -40.85 6.26
C VAL B 195 -3.46 -40.53 5.17
N HIS B 196 -2.96 -39.30 5.20
CA HIS B 196 -2.04 -38.85 4.15
C HIS B 196 -0.65 -39.41 4.39
N LYS B 197 -0.01 -39.83 3.30
CA LYS B 197 1.39 -40.20 3.37
C LYS B 197 2.26 -38.97 3.54
N ASP B 198 3.25 -39.08 4.43
CA ASP B 198 4.23 -38.06 4.85
C ASP B 198 3.68 -36.65 5.02
N THR B 199 2.45 -36.56 5.50
CA THR B 199 1.87 -35.30 5.95
C THR B 199 1.33 -35.58 7.34
N ASN B 200 0.89 -36.83 7.52
CA ASN B 200 0.46 -37.39 8.79
C ASN B 200 -0.70 -36.62 9.40
N VAL B 201 -1.59 -36.14 8.53
CA VAL B 201 -2.87 -35.57 8.92
C VAL B 201 -3.88 -36.16 7.97
N LEU B 202 -5.16 -36.08 8.34
CA LEU B 202 -6.22 -36.65 7.52
C LEU B 202 -6.35 -35.88 6.21
N GLU B 203 -6.60 -36.62 5.13
CA GLU B 203 -6.59 -36.03 3.80
C GLU B 203 -7.76 -35.09 3.59
N ILE B 204 -8.87 -35.32 4.29
CA ILE B 204 -10.01 -34.42 4.21
C ILE B 204 -9.69 -33.10 4.90
N GLU B 205 -8.95 -33.14 6.00
CA GLU B 205 -8.58 -31.91 6.67
C GLU B 205 -7.47 -31.18 5.95
N HIS B 206 -6.68 -31.90 5.16
CA HIS B 206 -5.64 -31.32 4.33
C HIS B 206 -6.19 -30.60 3.10
N VAL B 207 -7.49 -30.70 2.86
CA VAL B 207 -8.10 -30.05 1.70
C VAL B 207 -9.17 -29.04 2.11
N ARG B 208 -9.60 -29.05 3.37
CA ARG B 208 -10.65 -28.15 3.83
C ARG B 208 -10.14 -26.76 4.16
N GLU B 209 -8.85 -26.50 4.02
CA GLU B 209 -8.32 -25.16 4.17
C GLU B 209 -8.11 -24.46 2.84
N LEU B 210 -8.24 -25.19 1.73
CA LEU B 210 -8.11 -24.63 0.40
C LEU B 210 -9.45 -24.32 -0.24
N ILE B 211 -10.49 -25.08 0.10
CA ILE B 211 -11.82 -24.86 -0.45
C ILE B 211 -12.60 -23.84 0.39
N THR B 212 -12.33 -23.78 1.69
CA THR B 212 -12.59 -22.69 2.64
C THR B 212 -14.04 -22.30 2.86
N ALA B 213 -14.98 -22.93 2.19
CA ALA B 213 -16.39 -22.80 2.56
C ALA B 213 -17.15 -24.12 2.57
N GLY B 214 -16.44 -25.25 2.68
CA GLY B 214 -17.07 -26.49 3.03
C GLY B 214 -17.10 -27.54 1.95
N VAL B 215 -16.71 -28.76 2.30
CA VAL B 215 -17.00 -29.92 1.47
C VAL B 215 -18.30 -30.54 1.98
N PHE B 216 -18.99 -31.25 1.10
CA PHE B 216 -20.28 -31.81 1.47
C PHE B 216 -20.43 -33.19 0.86
N GLN B 217 -21.50 -33.87 1.25
CA GLN B 217 -21.78 -35.21 0.78
C GLN B 217 -23.28 -35.35 0.60
N SER B 218 -23.71 -35.59 -0.63
CA SER B 218 -25.13 -35.74 -0.88
C SER B 218 -25.41 -37.03 -1.62
N PRO B 219 -26.46 -37.76 -1.25
CA PRO B 219 -26.79 -39.00 -1.93
C PRO B 219 -27.45 -38.82 -3.28
N VAL B 220 -27.65 -37.58 -3.74
CA VAL B 220 -28.31 -37.38 -5.03
C VAL B 220 -27.36 -37.70 -6.18
N LEU B 221 -26.06 -37.76 -5.92
CA LEU B 221 -25.12 -38.05 -6.98
C LEU B 221 -25.01 -39.55 -7.20
N LYS B 222 -24.27 -39.90 -8.24
CA LYS B 222 -23.95 -41.27 -8.62
C LYS B 222 -22.72 -41.73 -7.86
N GLY B 223 -21.97 -42.65 -8.44
CA GLY B 223 -20.79 -43.17 -7.78
C GLY B 223 -19.65 -42.20 -8.01
N LYS B 224 -18.73 -42.49 -8.92
CA LYS B 224 -17.61 -41.59 -9.17
C LYS B 224 -18.11 -40.29 -9.80
N SER B 225 -18.19 -39.22 -9.00
CA SER B 225 -18.60 -37.90 -9.48
C SER B 225 -18.16 -36.85 -8.48
N GLY B 226 -18.44 -35.59 -8.80
CA GLY B 226 -18.04 -34.48 -7.94
C GLY B 226 -18.07 -33.13 -8.64
N VAL B 227 -18.47 -32.07 -7.92
CA VAL B 227 -18.65 -30.75 -8.48
C VAL B 227 -18.00 -29.72 -7.55
N ILE B 228 -17.13 -28.89 -8.11
CA ILE B 228 -16.57 -27.72 -7.41
C ILE B 228 -17.07 -26.45 -8.09
N VAL B 229 -17.68 -25.57 -7.31
CA VAL B 229 -18.22 -24.30 -7.81
C VAL B 229 -17.94 -23.24 -6.74
N ASN B 230 -17.72 -22.00 -7.18
CA ASN B 230 -17.55 -20.93 -6.22
C ASN B 230 -18.90 -20.34 -5.85
N THR B 231 -18.98 -19.79 -4.65
CA THR B 231 -20.23 -19.40 -4.04
C THR B 231 -20.49 -17.92 -4.25
N GLY B 232 -21.47 -17.41 -3.53
CA GLY B 232 -21.86 -16.01 -3.61
C GLY B 232 -23.00 -15.82 -4.58
N ARG B 233 -23.35 -14.56 -4.78
CA ARG B 233 -24.20 -14.21 -5.90
C ARG B 233 -23.31 -14.04 -7.13
N ASN B 234 -23.90 -13.52 -8.22
CA ASN B 234 -23.32 -13.30 -9.55
C ASN B 234 -22.97 -14.59 -10.28
N ASN B 235 -23.11 -15.75 -9.63
CA ASN B 235 -22.74 -17.02 -10.25
C ASN B 235 -23.84 -18.05 -10.06
N LEU B 236 -24.55 -17.99 -8.93
CA LEU B 236 -25.55 -18.98 -8.61
C LEU B 236 -26.71 -18.29 -7.89
N ASP B 237 -27.91 -18.81 -8.10
CA ASP B 237 -29.07 -18.21 -7.47
C ASP B 237 -30.16 -19.26 -7.31
N LEU B 238 -30.98 -19.08 -6.28
CA LEU B 238 -32.03 -20.03 -5.92
C LEU B 238 -33.34 -19.28 -5.67
N ALA B 239 -33.78 -18.52 -6.68
CA ALA B 239 -35.00 -17.73 -6.64
C ALA B 239 -36.21 -18.53 -6.17
N ILE B 240 -36.86 -18.06 -5.13
CA ILE B 240 -37.88 -18.82 -4.42
C ILE B 240 -39.16 -17.99 -4.36
N SER B 241 -40.27 -18.68 -4.21
CA SER B 241 -41.57 -18.02 -4.16
C SER B 241 -42.36 -18.38 -2.92
N GLU B 242 -42.21 -19.60 -2.42
CA GLU B 242 -42.84 -20.02 -1.17
C GLU B 242 -41.95 -21.03 -0.49
N ASP B 243 -41.92 -20.98 0.84
CA ASP B 243 -41.19 -21.97 1.61
C ASP B 243 -42.14 -23.10 2.01
N PHE B 244 -41.69 -23.93 2.94
CA PHE B 244 -42.40 -25.15 3.31
C PHE B 244 -43.65 -24.81 4.10
N GLU B 245 -44.77 -24.72 3.41
CA GLU B 245 -46.05 -24.46 4.04
C GLU B 245 -46.93 -25.70 3.95
N THR B 246 -47.78 -25.88 4.95
CA THR B 246 -48.77 -26.94 4.96
C THR B 246 -50.12 -26.36 4.55
N ALA B 247 -51.05 -27.26 4.25
CA ALA B 247 -52.39 -26.83 3.86
C ALA B 247 -53.37 -27.95 4.17
N TYR B 248 -54.53 -27.57 4.70
CA TYR B 248 -55.60 -28.53 4.91
C TYR B 248 -56.30 -28.82 3.59
N LEU B 249 -56.86 -30.02 3.48
CA LEU B 249 -57.54 -30.43 2.27
C LEU B 249 -58.99 -30.82 2.46
N GLY B 250 -59.45 -30.82 3.71
CA GLY B 250 -60.86 -31.15 3.99
C GLY B 250 -61.01 -32.42 4.80
N GLU B 251 -62.25 -32.85 5.05
CA GLU B 251 -62.51 -34.08 5.83
C GLU B 251 -63.03 -35.17 4.90
N GLU B 252 -62.31 -35.48 3.82
CA GLU B 252 -62.76 -36.52 2.86
C GLU B 252 -62.84 -37.88 3.58
N GLY B 253 -63.84 -38.69 3.26
CA GLY B 253 -64.00 -40.00 3.93
C GLY B 253 -64.33 -39.82 5.40
N MET B 254 -63.32 -39.71 6.25
CA MET B 254 -63.54 -39.53 7.71
C MET B 254 -62.21 -39.11 8.37
N ASN B 255 -61.09 -39.27 7.65
CA ASN B 255 -59.76 -38.90 8.20
C ASN B 255 -59.42 -37.47 7.78
N HIS B 256 -58.19 -37.02 8.05
CA HIS B 256 -57.78 -35.67 7.69
C HIS B 256 -56.45 -35.74 6.96
N PRO B 257 -56.42 -35.47 5.66
CA PRO B 257 -55.15 -35.38 4.95
C PRO B 257 -54.61 -33.96 4.99
N PHE B 258 -53.39 -33.81 4.50
CA PHE B 258 -52.74 -32.51 4.38
C PHE B 258 -51.85 -32.52 3.15
N ARG B 259 -51.13 -31.43 2.94
CA ARG B 259 -50.18 -31.36 1.83
C ARG B 259 -49.12 -30.32 2.17
N VAL B 260 -47.86 -30.71 2.07
CA VAL B 260 -46.75 -29.76 2.15
C VAL B 260 -46.28 -29.48 0.74
N TYR B 261 -45.77 -28.27 0.51
CA TYR B 261 -45.37 -27.88 -0.84
C TYR B 261 -44.34 -26.77 -0.77
N GLU B 262 -43.70 -26.53 -1.90
CA GLU B 262 -42.61 -25.57 -2.04
C GLU B 262 -42.47 -25.25 -3.51
N THR B 263 -42.01 -24.04 -3.83
CA THR B 263 -41.88 -23.57 -5.21
C THR B 263 -40.51 -22.92 -5.42
N VAL B 264 -39.55 -23.67 -5.99
CA VAL B 264 -38.21 -23.15 -6.20
C VAL B 264 -37.82 -23.28 -7.66
N VAL B 265 -36.81 -22.50 -8.05
CA VAL B 265 -36.07 -22.69 -9.29
C VAL B 265 -34.60 -22.50 -9.00
N LEU B 266 -33.76 -23.06 -9.84
CA LEU B 266 -32.33 -22.83 -9.80
C LEU B 266 -31.93 -22.08 -11.06
N ARG B 267 -31.63 -20.79 -10.94
CA ARG B 267 -31.13 -20.03 -12.06
C ARG B 267 -29.63 -19.86 -11.91
N ILE B 268 -28.91 -20.21 -12.97
CA ILE B 268 -27.45 -20.10 -13.03
C ILE B 268 -27.12 -18.89 -13.89
N LYS B 269 -26.41 -17.93 -13.32
CA LYS B 269 -26.11 -16.71 -14.06
C LYS B 269 -24.86 -16.85 -14.91
N ARG B 270 -23.72 -17.16 -14.30
CA ARG B 270 -22.48 -17.32 -15.06
C ARG B 270 -22.06 -18.78 -15.06
N PRO B 271 -22.35 -19.53 -16.12
CA PRO B 271 -22.07 -20.97 -16.10
C PRO B 271 -20.61 -21.32 -16.25
N ALA B 272 -19.75 -20.38 -16.59
CA ALA B 272 -18.33 -20.67 -16.73
C ALA B 272 -17.63 -20.86 -15.39
N ALA B 273 -18.27 -20.53 -14.28
CA ALA B 273 -17.65 -20.63 -12.97
C ALA B 273 -18.05 -21.89 -12.22
N ILE B 274 -18.45 -22.93 -12.93
CA ILE B 274 -18.69 -24.24 -12.36
C ILE B 274 -17.66 -25.20 -12.95
N CYS B 275 -17.32 -26.24 -12.19
CA CYS B 275 -16.45 -27.30 -12.68
C CYS B 275 -17.10 -28.64 -12.38
N THR B 276 -16.53 -29.70 -12.94
CA THR B 276 -17.14 -31.02 -12.81
C THR B 276 -16.05 -32.07 -12.78
N LEU B 277 -15.92 -32.77 -11.65
CA LEU B 277 -15.02 -33.91 -11.54
C LEU B 277 -15.78 -35.15 -11.96
N ILE B 278 -15.72 -35.48 -13.25
CA ILE B 278 -16.54 -36.59 -13.74
C ILE B 278 -15.96 -37.93 -13.31
N ASP B 279 -14.62 -38.04 -13.26
CA ASP B 279 -13.84 -39.21 -12.83
C ASP B 279 -14.27 -40.52 -13.48
N PRO B 280 -14.00 -40.75 -14.77
CA PRO B 280 -14.25 -42.07 -15.34
C PRO B 280 -12.98 -42.91 -15.34
N GLU B 281 -13.15 -44.15 -15.76
CA GLU B 281 -12.05 -44.97 -16.22
C GLU B 281 -12.02 -45.07 -17.74
N GLU B 282 -12.84 -44.26 -18.41
CA GLU B 282 -13.02 -44.36 -19.85
C GLU B 282 -13.15 -42.98 -20.51
N LEU C 6 -28.31 14.00 -2.44
CA LEU C 6 -28.60 13.39 -3.74
C LEU C 6 -28.52 14.42 -4.86
N TYR C 7 -27.45 14.35 -5.63
CA TYR C 7 -27.21 15.21 -6.80
C TYR C 7 -27.93 14.83 -8.10
N PRO C 8 -27.98 13.53 -8.59
CA PRO C 8 -28.47 13.34 -9.96
C PRO C 8 -29.98 13.28 -10.05
N ASP C 9 -30.49 12.96 -11.25
CA ASP C 9 -31.92 12.77 -11.42
C ASP C 9 -32.42 11.47 -10.81
N SER C 10 -31.52 10.48 -10.61
CA SER C 10 -31.70 9.31 -9.74
C SER C 10 -32.92 8.46 -10.05
N PRO C 11 -32.86 7.57 -11.04
CA PRO C 11 -33.96 6.62 -11.26
C PRO C 11 -34.24 5.73 -10.07
N LEU C 12 -33.22 5.40 -9.29
CA LEU C 12 -33.44 4.82 -7.97
C LEU C 12 -33.76 5.93 -6.98
N THR C 13 -34.64 5.63 -6.02
CA THR C 13 -34.89 6.57 -4.94
C THR C 13 -33.75 6.50 -3.92
N ASP C 14 -33.91 7.24 -2.82
CA ASP C 14 -32.80 7.36 -1.90
C ASP C 14 -32.67 6.15 -0.97
N GLN C 15 -33.79 5.53 -0.61
CA GLN C 15 -33.76 4.50 0.42
C GLN C 15 -33.17 3.19 -0.09
N ASP C 16 -33.15 2.99 -1.40
CA ASP C 16 -32.51 1.82 -1.97
C ASP C 16 -31.20 2.15 -2.66
N PHE C 17 -30.86 3.44 -2.76
CA PHE C 17 -29.54 3.79 -3.27
C PHE C 17 -28.47 3.44 -2.26
N ASN C 18 -28.81 3.45 -0.97
CA ASN C 18 -27.89 2.96 0.05
C ASN C 18 -27.75 1.46 0.05
N GLN C 19 -28.67 0.74 -0.59
CA GLN C 19 -28.49 -0.69 -0.76
C GLN C 19 -27.47 -1.00 -1.84
N LEU C 20 -27.28 -0.07 -2.80
CA LEU C 20 -26.18 -0.22 -3.73
C LEU C 20 -24.85 0.05 -3.04
N ASP C 21 -24.81 1.07 -2.19
CA ASP C 21 -23.62 1.33 -1.38
C ASP C 21 -23.43 0.30 -0.28
N GLN C 22 -24.46 -0.47 0.05
CA GLN C 22 -24.25 -1.60 0.94
C GLN C 22 -23.59 -2.76 0.19
N THR C 23 -24.08 -3.07 -1.01
CA THR C 23 -23.59 -4.24 -1.72
C THR C 23 -22.21 -4.01 -2.30
N VAL C 24 -21.91 -2.79 -2.73
CA VAL C 24 -20.64 -2.56 -3.42
C VAL C 24 -19.48 -2.49 -2.43
N ILE C 25 -19.73 -2.29 -1.14
CA ILE C 25 -18.67 -2.29 -0.16
C ILE C 25 -18.64 -3.56 0.69
N GLU C 26 -19.72 -4.32 0.73
CA GLU C 26 -19.69 -5.59 1.47
C GLU C 26 -19.02 -6.67 0.65
N ALA C 27 -19.29 -6.71 -0.64
CA ALA C 27 -18.64 -7.68 -1.52
C ALA C 27 -17.19 -7.31 -1.81
N ALA C 28 -16.76 -6.10 -1.48
CA ALA C 28 -15.36 -5.73 -1.61
C ALA C 28 -14.55 -6.08 -0.37
N ARG C 29 -15.19 -6.21 0.79
CA ARG C 29 -14.44 -6.47 2.02
C ARG C 29 -13.91 -7.89 2.07
N ARG C 30 -14.64 -8.84 1.50
CA ARG C 30 -14.24 -10.24 1.55
C ARG C 30 -13.26 -10.63 0.47
N GLN C 31 -12.64 -9.66 -0.21
CA GLN C 31 -11.71 -9.96 -1.28
C GLN C 31 -10.44 -9.12 -1.23
N LEU C 32 -10.31 -8.20 -0.29
CA LEU C 32 -9.24 -7.21 -0.32
C LEU C 32 -8.19 -7.61 0.72
N VAL C 33 -7.11 -8.22 0.23
CA VAL C 33 -6.03 -8.71 1.11
C VAL C 33 -4.85 -7.75 1.13
N GLY C 34 -4.84 -6.75 0.25
CA GLY C 34 -3.73 -5.83 0.21
C GLY C 34 -3.69 -4.92 1.43
N ARG C 35 -4.81 -4.30 1.76
CA ARG C 35 -4.85 -3.36 2.87
C ARG C 35 -5.22 -4.01 4.19
N ARG C 36 -5.13 -5.33 4.28
CA ARG C 36 -5.38 -5.99 5.55
C ARG C 36 -4.18 -5.96 6.48
N PHE C 37 -3.02 -5.52 5.99
CA PHE C 37 -1.85 -5.36 6.84
C PHE C 37 -1.05 -4.10 6.55
N ILE C 38 -1.48 -3.27 5.60
CA ILE C 38 -0.75 -2.09 5.17
C ILE C 38 -1.46 -0.87 5.73
N GLU C 39 -0.70 0.03 6.35
CA GLU C 39 -1.27 1.28 6.86
C GLU C 39 -1.76 2.14 5.71
N LEU C 40 -2.76 2.96 6.01
CA LEU C 40 -3.56 3.63 4.99
C LEU C 40 -3.45 5.14 5.17
N TYR C 41 -3.14 5.85 4.09
CA TYR C 41 -2.95 7.28 4.13
C TYR C 41 -4.29 8.00 4.23
N GLY C 42 -4.23 9.31 4.46
CA GLY C 42 -5.43 10.10 4.55
C GLY C 42 -6.05 10.33 3.19
N PRO C 43 -7.38 10.39 3.13
CA PRO C 43 -8.05 10.71 1.86
C PRO C 43 -7.74 12.12 1.41
N LEU C 44 -6.96 12.24 0.34
CA LEU C 44 -6.46 13.55 -0.08
C LEU C 44 -7.53 14.39 -0.75
N GLY C 45 -8.60 13.78 -1.24
CA GLY C 45 -9.66 14.53 -1.87
C GLY C 45 -9.47 14.64 -3.37
N ARG C 46 -10.32 15.47 -3.97
CA ARG C 46 -10.26 15.64 -5.42
C ARG C 46 -9.08 16.50 -5.82
N GLY C 47 -8.65 17.41 -4.95
CA GLY C 47 -7.68 18.43 -5.27
C GLY C 47 -6.24 18.01 -5.34
N MET C 48 -5.96 16.72 -5.37
CA MET C 48 -4.59 16.24 -5.47
C MET C 48 -4.58 15.01 -6.36
N GLN C 49 -3.76 15.04 -7.39
CA GLN C 49 -3.65 13.95 -8.35
C GLN C 49 -2.20 13.62 -8.66
N SER C 50 -1.32 13.86 -7.69
CA SER C 50 0.06 13.43 -7.75
C SER C 50 0.57 13.24 -6.34
N VAL C 51 1.62 12.43 -6.19
CA VAL C 51 2.18 12.12 -4.88
C VAL C 51 3.64 11.78 -5.08
N PHE C 52 4.44 11.96 -4.03
CA PHE C 52 5.87 11.65 -4.07
C PHE C 52 6.24 10.83 -2.86
N ASN C 53 7.45 10.28 -2.89
CA ASN C 53 7.99 9.56 -1.75
C ASN C 53 9.50 9.64 -1.78
N ASP C 54 10.10 10.01 -0.66
CA ASP C 54 11.55 10.16 -0.56
C ASP C 54 12.14 8.83 -0.12
N ILE C 55 12.70 8.09 -1.06
CA ILE C 55 13.16 6.73 -0.82
C ILE C 55 14.46 6.78 0.00
N PHE C 56 14.41 6.24 1.20
CA PHE C 56 15.60 6.11 2.05
C PHE C 56 16.14 4.71 1.93
N MET C 57 17.47 4.58 1.91
CA MET C 57 18.05 3.25 1.79
C MET C 57 19.24 2.98 2.70
N GLU C 58 19.86 3.99 3.33
CA GLU C 58 21.06 3.72 4.12
C GLU C 58 20.99 4.29 5.54
N SER C 59 22.14 4.33 6.21
CA SER C 59 22.18 4.52 7.66
C SER C 59 22.70 5.88 8.11
N HIS C 60 23.95 6.19 7.76
CA HIS C 60 24.61 7.49 7.97
C HIS C 60 24.63 7.91 9.44
N GLU C 61 25.28 7.08 10.26
CA GLU C 61 25.37 7.31 11.70
C GLU C 61 26.61 8.12 12.03
N ALA C 62 26.45 9.12 12.91
CA ALA C 62 27.56 10.00 13.29
C ALA C 62 27.24 10.74 14.59
N LYS C 63 28.09 11.72 14.90
CA LYS C 63 27.91 12.75 15.94
C LYS C 63 27.85 12.16 17.35
N MET C 64 29.03 11.73 17.81
CA MET C 64 29.26 11.25 19.17
C MET C 64 30.27 12.12 19.92
N ASP C 65 30.11 13.44 19.92
CA ASP C 65 31.11 14.31 20.54
C ASP C 65 30.48 15.21 21.61
N PHE C 66 31.24 16.21 22.02
CA PHE C 66 30.88 17.13 23.09
C PHE C 66 29.80 18.11 22.62
N GLN C 67 29.56 19.13 23.43
CA GLN C 67 28.57 20.14 23.11
C GLN C 67 29.03 21.00 21.94
N GLY C 68 28.05 21.64 21.29
CA GLY C 68 28.35 22.59 20.23
C GLY C 68 28.27 21.94 18.85
N SER C 69 29.37 22.04 18.09
CA SER C 69 29.48 21.63 16.68
C SER C 69 28.39 22.26 15.83
N PHE C 70 28.48 23.59 15.71
CA PHE C 70 27.52 24.38 14.96
C PHE C 70 27.60 24.15 13.47
N ASP C 71 26.86 23.15 12.99
CA ASP C 71 26.81 22.83 11.56
C ASP C 71 25.43 22.28 11.24
N THR C 72 25.29 21.69 10.05
CA THR C 72 24.09 20.98 9.64
C THR C 72 24.45 19.91 8.63
N GLU C 73 24.04 18.67 8.90
CA GLU C 73 24.32 17.54 8.00
C GLU C 73 23.07 16.69 7.88
N VAL C 74 22.51 16.60 6.68
CA VAL C 74 21.27 15.86 6.46
C VAL C 74 21.52 14.71 5.48
N GLU C 75 20.47 13.95 5.17
CA GLU C 75 20.60 12.71 4.42
C GLU C 75 20.14 12.88 2.98
N SER C 76 20.25 11.79 2.21
CA SER C 76 19.95 11.78 0.79
C SER C 76 18.48 11.49 0.55
N SER C 77 17.94 12.07 -0.52
CA SER C 77 16.50 12.12 -0.75
C SER C 77 16.01 11.00 -1.66
N ARG C 78 16.46 10.98 -2.93
CA ARG C 78 15.93 10.11 -4.00
C ARG C 78 14.42 10.31 -4.15
N ARG C 79 14.06 11.49 -4.65
CA ARG C 79 12.66 11.87 -4.80
C ARG C 79 12.15 11.52 -6.18
N VAL C 80 10.95 10.93 -6.24
CA VAL C 80 10.27 10.65 -7.50
C VAL C 80 8.78 10.91 -7.29
N ASN C 81 8.08 11.30 -8.35
CA ASN C 81 6.67 11.63 -8.30
C ASN C 81 5.84 10.55 -8.97
N TYR C 82 4.64 10.30 -8.44
CA TYR C 82 3.75 9.30 -8.98
C TYR C 82 2.43 9.94 -9.39
N THR C 83 1.75 9.30 -10.35
CA THR C 83 0.44 9.72 -10.81
C THR C 83 -0.58 8.69 -10.35
N ILE C 84 -1.68 9.16 -9.79
CA ILE C 84 -2.68 8.24 -9.24
C ILE C 84 -3.56 7.71 -10.37
N PRO C 85 -3.65 6.40 -10.55
CA PRO C 85 -4.42 5.84 -11.65
C PRO C 85 -5.92 5.82 -11.31
N MET C 86 -6.71 5.29 -12.25
CA MET C 86 -8.16 5.40 -12.17
C MET C 86 -8.84 4.21 -11.50
N LEU C 87 -8.67 3.01 -12.05
CA LEU C 87 -9.23 1.74 -11.52
C LEU C 87 -10.76 1.78 -11.46
N TYR C 88 -11.36 1.75 -12.64
CA TYR C 88 -12.81 1.75 -12.77
C TYR C 88 -13.30 0.45 -13.40
N LYS C 89 -14.60 0.19 -13.24
CA LYS C 89 -15.30 -0.92 -13.87
C LYS C 89 -16.78 -0.60 -13.85
N ASP C 90 -17.47 -0.89 -14.96
CA ASP C 90 -18.82 -0.41 -15.18
C ASP C 90 -19.81 -1.55 -15.28
N PHE C 91 -21.08 -1.23 -15.07
CA PHE C 91 -22.17 -2.20 -15.18
C PHE C 91 -23.44 -1.44 -15.54
N VAL C 92 -24.55 -2.17 -15.62
CA VAL C 92 -25.77 -1.65 -16.26
C VAL C 92 -26.99 -2.23 -15.57
N LEU C 93 -28.01 -1.40 -15.39
CA LEU C 93 -29.32 -1.83 -14.89
C LEU C 93 -30.38 -1.51 -15.92
N TYR C 94 -31.33 -2.41 -16.09
CA TYR C 94 -32.37 -2.28 -17.10
C TYR C 94 -33.63 -1.68 -16.52
N TRP C 95 -34.28 -0.80 -17.27
CA TRP C 95 -35.68 -0.53 -17.00
C TRP C 95 -36.48 -1.71 -17.52
N ARG C 96 -37.79 -1.72 -17.19
CA ARG C 96 -38.71 -2.85 -17.34
C ARG C 96 -38.29 -4.05 -16.49
N ASP C 97 -37.37 -3.85 -15.56
CA ASP C 97 -36.98 -4.82 -14.56
C ASP C 97 -36.95 -4.07 -13.24
N LEU C 98 -36.71 -2.76 -13.32
CA LEU C 98 -36.86 -1.88 -12.17
C LEU C 98 -38.33 -1.59 -11.89
N GLU C 99 -39.10 -1.33 -12.95
CA GLU C 99 -40.52 -1.06 -12.79
C GLU C 99 -41.28 -2.30 -12.38
N GLN C 100 -40.78 -3.47 -12.77
CA GLN C 100 -41.39 -4.73 -12.31
C GLN C 100 -41.14 -4.95 -10.83
N SER C 101 -39.93 -4.65 -10.36
CA SER C 101 -39.64 -4.82 -8.95
C SER C 101 -40.28 -3.75 -8.09
N LYS C 102 -40.71 -2.64 -8.68
CA LYS C 102 -41.41 -1.61 -7.94
C LYS C 102 -42.91 -1.82 -7.95
N ALA C 103 -43.44 -2.50 -8.97
CA ALA C 103 -44.88 -2.67 -9.10
C ALA C 103 -45.42 -3.62 -8.05
N LEU C 104 -44.94 -4.86 -8.05
CA LEU C 104 -45.36 -5.84 -7.06
C LEU C 104 -44.51 -5.82 -5.80
N ASP C 105 -43.65 -4.80 -5.65
CA ASP C 105 -43.04 -4.37 -4.39
C ASP C 105 -42.16 -5.46 -3.76
N ILE C 106 -41.08 -5.78 -4.47
CA ILE C 106 -40.00 -6.58 -3.91
C ILE C 106 -38.75 -5.71 -3.92
N PRO C 107 -37.77 -5.95 -3.05
CA PRO C 107 -36.52 -5.20 -3.15
C PRO C 107 -35.71 -5.62 -4.37
N ILE C 108 -35.06 -4.63 -5.00
CA ILE C 108 -34.42 -4.82 -6.29
C ILE C 108 -33.18 -5.67 -6.14
N ASP C 109 -32.86 -6.44 -7.18
CA ASP C 109 -31.62 -7.20 -7.19
C ASP C 109 -30.45 -6.30 -7.52
N PHE C 110 -29.28 -6.67 -7.02
CA PHE C 110 -28.04 -6.03 -7.42
C PHE C 110 -26.96 -7.08 -7.60
N SER C 111 -27.32 -8.19 -8.23
CA SER C 111 -26.40 -9.28 -8.48
C SER C 111 -25.53 -9.05 -9.70
N VAL C 112 -25.50 -7.83 -10.24
CA VAL C 112 -24.48 -7.45 -11.20
C VAL C 112 -23.58 -6.36 -10.65
N ALA C 113 -23.98 -5.64 -9.60
CA ALA C 113 -23.09 -4.67 -8.98
C ALA C 113 -22.00 -5.36 -8.18
N ALA C 114 -22.29 -6.54 -7.64
CA ALA C 114 -21.26 -7.27 -6.91
C ALA C 114 -20.22 -7.86 -7.83
N ASN C 115 -20.59 -8.14 -9.08
CA ASN C 115 -19.58 -8.58 -10.04
C ASN C 115 -18.71 -7.41 -10.47
N ALA C 116 -19.25 -6.19 -10.46
CA ALA C 116 -18.39 -5.05 -10.73
C ALA C 116 -17.49 -4.72 -9.55
N ALA C 117 -17.97 -4.93 -8.32
CA ALA C 117 -17.16 -4.64 -7.15
C ALA C 117 -16.05 -5.66 -6.98
N ARG C 118 -16.33 -6.92 -7.30
CA ARG C 118 -15.30 -7.94 -7.22
C ARG C 118 -14.26 -7.79 -8.31
N ASP C 119 -14.59 -7.11 -9.41
CA ASP C 119 -13.65 -6.98 -10.50
C ASP C 119 -12.61 -5.90 -10.23
N VAL C 120 -13.03 -4.76 -9.69
CA VAL C 120 -12.07 -3.70 -9.38
C VAL C 120 -11.18 -4.10 -8.22
N ALA C 121 -11.71 -4.82 -7.24
CA ALA C 121 -10.94 -5.21 -6.08
C ALA C 121 -9.98 -6.35 -6.34
N PHE C 122 -9.89 -6.83 -7.57
CA PHE C 122 -8.85 -7.76 -7.97
C PHE C 122 -7.74 -7.10 -8.77
N LEU C 123 -8.08 -6.12 -9.62
CA LEU C 123 -7.04 -5.38 -10.32
C LEU C 123 -6.31 -4.45 -9.37
N GLU C 124 -6.99 -3.95 -8.34
CA GLU C 124 -6.33 -3.17 -7.31
C GLU C 124 -5.37 -4.03 -6.50
N ASP C 125 -5.65 -5.32 -6.41
CA ASP C 125 -4.73 -6.24 -5.77
C ASP C 125 -3.66 -6.76 -6.72
N GLN C 126 -3.92 -6.75 -8.02
CA GLN C 126 -2.88 -7.12 -8.97
C GLN C 126 -1.87 -6.01 -9.15
N MET C 127 -2.28 -4.76 -8.94
CA MET C 127 -1.36 -3.63 -9.11
C MET C 127 -0.36 -3.57 -7.97
N ILE C 128 -0.80 -3.80 -6.74
CA ILE C 128 0.06 -3.60 -5.57
C ILE C 128 1.13 -4.69 -5.49
N PHE C 129 0.83 -5.89 -5.95
CA PHE C 129 1.77 -6.99 -5.85
C PHE C 129 2.64 -7.16 -7.08
N HIS C 130 2.40 -6.38 -8.13
CA HIS C 130 3.24 -6.49 -9.31
C HIS C 130 3.65 -5.16 -9.92
N GLY C 131 2.94 -4.07 -9.68
CA GLY C 131 3.26 -2.81 -10.30
C GLY C 131 2.74 -2.70 -11.72
N SER C 132 2.65 -1.46 -12.20
CA SER C 132 2.09 -1.17 -13.51
C SER C 132 3.16 -0.54 -14.38
N LYS C 133 3.27 -1.01 -15.62
CA LYS C 133 4.20 -0.43 -16.57
C LYS C 133 3.62 0.75 -17.32
N GLU C 134 2.34 1.07 -17.08
CA GLU C 134 1.76 2.25 -17.70
C GLU C 134 2.26 3.52 -17.04
N PHE C 135 2.57 3.47 -15.76
CA PHE C 135 3.02 4.64 -15.02
C PHE C 135 4.28 4.39 -14.22
N ASP C 136 4.94 3.23 -14.41
CA ASP C 136 6.18 2.85 -13.73
C ASP C 136 6.06 2.84 -12.22
N ILE C 137 4.88 2.52 -11.70
CA ILE C 137 4.72 2.32 -10.27
C ILE C 137 5.38 1.00 -9.92
N PRO C 138 6.34 0.97 -9.01
CA PRO C 138 6.98 -0.29 -8.66
C PRO C 138 6.10 -1.11 -7.72
N GLY C 139 6.00 -2.39 -8.02
CA GLY C 139 5.21 -3.29 -7.20
C GLY C 139 5.94 -3.73 -5.96
N LEU C 140 5.27 -4.60 -5.20
CA LEU C 140 5.84 -5.15 -3.98
C LEU C 140 6.83 -6.26 -4.26
N MET C 141 6.98 -6.70 -5.51
CA MET C 141 7.96 -7.70 -5.85
C MET C 141 8.94 -7.25 -6.92
N ASN C 142 8.77 -6.04 -7.47
CA ASN C 142 9.67 -5.53 -8.48
C ASN C 142 10.41 -4.29 -7.99
N VAL C 143 10.27 -3.92 -6.73
CA VAL C 143 10.91 -2.72 -6.21
C VAL C 143 12.42 -2.99 -6.10
N LYS C 144 13.20 -1.92 -6.15
CA LYS C 144 14.64 -2.03 -6.31
C LYS C 144 15.32 -2.17 -4.95
N GLY C 145 16.14 -3.21 -4.81
CA GLY C 145 16.81 -3.47 -3.55
C GLY C 145 15.89 -4.04 -2.50
N ARG C 146 15.42 -5.27 -2.73
CA ARG C 146 14.33 -5.83 -1.94
C ARG C 146 14.68 -7.13 -1.25
N LEU C 147 15.97 -7.48 -1.15
CA LEU C 147 16.48 -8.56 -0.29
C LEU C 147 15.87 -9.92 -0.63
N THR C 148 16.21 -10.42 -1.81
CA THR C 148 15.66 -11.70 -2.24
C THR C 148 16.28 -12.85 -1.46
N HIS C 149 15.63 -14.01 -1.55
CA HIS C 149 16.08 -15.20 -0.84
C HIS C 149 15.49 -16.42 -1.52
N LEU C 150 16.33 -17.42 -1.81
CA LEU C 150 15.88 -18.61 -2.50
C LEU C 150 15.17 -19.55 -1.51
N ILE C 151 14.72 -20.70 -2.01
CA ILE C 151 13.86 -21.54 -1.19
C ILE C 151 14.44 -22.93 -0.96
N GLY C 152 14.68 -23.70 -2.02
CA GLY C 152 15.23 -25.02 -1.83
C GLY C 152 14.31 -26.07 -1.22
N ASN C 153 13.34 -26.57 -2.01
CA ASN C 153 12.50 -27.72 -1.68
C ASN C 153 11.63 -27.45 -0.44
N TRP C 154 10.69 -26.54 -0.63
CA TRP C 154 9.63 -26.29 0.36
C TRP C 154 8.54 -27.36 0.26
N TYR C 155 8.91 -28.60 0.54
CA TYR C 155 7.89 -29.63 0.46
C TYR C 155 7.75 -30.44 1.75
N GLU C 156 8.86 -30.96 2.28
CA GLU C 156 8.78 -32.09 3.18
C GLU C 156 9.78 -31.98 4.31
N SER C 157 9.55 -32.79 5.35
CA SER C 157 10.44 -33.13 6.47
C SER C 157 10.75 -31.98 7.42
N GLY C 158 10.26 -30.78 7.13
CA GLY C 158 10.40 -29.67 8.03
C GLY C 158 11.37 -28.58 7.65
N ASN C 159 11.79 -28.49 6.38
CA ASN C 159 12.59 -27.37 5.93
C ASN C 159 11.74 -26.24 5.38
N ALA C 160 10.49 -26.14 5.82
CA ALA C 160 9.61 -25.03 5.50
C ALA C 160 9.69 -23.96 6.57
N PHE C 161 9.45 -24.35 7.82
CA PHE C 161 9.63 -23.43 8.94
C PHE C 161 11.09 -23.04 9.10
N GLN C 162 12.01 -23.95 8.77
CA GLN C 162 13.43 -23.66 8.87
C GLN C 162 13.87 -22.63 7.83
N ASP C 163 13.13 -22.51 6.73
CA ASP C 163 13.46 -21.54 5.71
C ASP C 163 12.88 -20.16 5.97
N ILE C 164 11.93 -20.04 6.90
CA ILE C 164 11.41 -18.72 7.23
C ILE C 164 12.39 -17.97 8.11
N VAL C 165 13.08 -18.69 9.01
CA VAL C 165 13.93 -18.07 10.01
C VAL C 165 15.14 -17.39 9.38
N GLU C 166 15.67 -17.96 8.30
CA GLU C 166 16.74 -17.26 7.57
C GLU C 166 16.20 -16.08 6.80
N ALA C 167 14.96 -16.16 6.33
CA ALA C 167 14.36 -14.99 5.69
C ALA C 167 14.00 -13.93 6.71
N ARG C 168 13.64 -14.34 7.93
CA ARG C 168 13.49 -13.36 8.99
C ARG C 168 14.83 -12.78 9.41
N ASN C 169 15.89 -13.56 9.26
CA ASN C 169 17.22 -13.13 9.69
C ASN C 169 17.77 -12.02 8.81
N LYS C 170 17.46 -12.05 7.51
CA LYS C 170 18.04 -11.06 6.62
C LYS C 170 17.40 -9.69 6.77
N LEU C 171 16.18 -9.61 7.28
CA LEU C 171 15.66 -8.31 7.68
C LEU C 171 16.29 -7.84 8.98
N LEU C 172 16.72 -8.77 9.82
CA LEU C 172 17.22 -8.41 11.14
C LEU C 172 18.61 -7.79 11.06
N GLU C 173 19.39 -8.15 10.05
CA GLU C 173 20.72 -7.58 9.91
C GLU C 173 20.70 -6.15 9.40
N MET C 174 19.59 -5.71 8.80
CA MET C 174 19.47 -4.35 8.30
C MET C 174 18.75 -3.44 9.27
N ASN C 175 18.82 -3.76 10.58
CA ASN C 175 18.18 -3.01 11.66
C ASN C 175 16.68 -2.89 11.45
N HIS C 176 16.05 -3.99 11.00
CA HIS C 176 14.61 -4.04 10.82
C HIS C 176 14.05 -5.21 11.60
N ASN C 177 13.05 -4.93 12.43
CA ASN C 177 12.41 -5.94 13.27
C ASN C 177 10.96 -5.52 13.44
N GLY C 178 10.30 -6.06 14.45
CA GLY C 178 8.95 -5.68 14.75
C GLY C 178 7.95 -6.61 14.12
N PRO C 179 6.74 -6.15 13.91
CA PRO C 179 5.67 -7.02 13.41
C PRO C 179 5.85 -7.31 11.94
N TYR C 180 6.29 -8.52 11.62
CA TYR C 180 6.39 -8.94 10.24
C TYR C 180 5.01 -9.32 9.73
N ALA C 181 4.92 -9.51 8.41
CA ALA C 181 3.68 -9.95 7.78
C ALA C 181 4.05 -10.76 6.56
N LEU C 182 3.48 -11.95 6.46
CA LEU C 182 3.87 -12.91 5.44
C LEU C 182 2.69 -13.15 4.52
N VAL C 183 2.91 -12.97 3.22
CA VAL C 183 1.89 -13.22 2.20
C VAL C 183 2.51 -14.15 1.17
N LEU C 184 1.89 -15.30 0.97
CA LEU C 184 2.48 -16.30 0.08
C LEU C 184 1.38 -16.99 -0.71
N SER C 185 1.81 -17.66 -1.77
CA SER C 185 0.93 -18.17 -2.81
C SER C 185 0.05 -19.31 -2.29
N PRO C 186 -1.14 -19.49 -2.87
CA PRO C 186 -2.03 -20.58 -2.41
C PRO C 186 -1.49 -21.97 -2.62
N GLU C 187 -0.60 -22.17 -3.58
CA GLU C 187 -0.02 -23.51 -3.72
C GLU C 187 1.03 -23.78 -2.67
N LEU C 188 1.62 -22.74 -2.06
CA LEU C 188 2.55 -22.92 -0.95
C LEU C 188 1.86 -22.85 0.40
N TYR C 189 0.66 -22.28 0.47
CA TYR C 189 -0.06 -22.23 1.74
C TYR C 189 -0.53 -23.60 2.19
N SER C 190 -0.72 -24.53 1.25
CA SER C 190 -1.03 -25.89 1.63
C SER C 190 0.19 -26.61 2.21
N LEU C 191 1.39 -26.14 1.90
CA LEU C 191 2.60 -26.81 2.38
C LEU C 191 2.93 -26.47 3.82
N LEU C 192 2.23 -25.52 4.43
CA LEU C 192 2.36 -25.22 5.86
C LEU C 192 1.24 -25.88 6.65
N HIS C 193 0.81 -27.06 6.23
CA HIS C 193 -0.22 -27.79 6.93
C HIS C 193 0.26 -29.12 7.50
N ARG C 194 1.43 -29.60 7.11
CA ARG C 194 1.94 -30.87 7.61
C ARG C 194 2.42 -30.71 9.05
N VAL C 195 2.64 -31.84 9.70
CA VAL C 195 3.12 -31.83 11.08
C VAL C 195 4.62 -31.58 11.09
N HIS C 196 5.09 -30.81 12.06
CA HIS C 196 6.52 -30.59 12.20
C HIS C 196 7.16 -31.84 12.78
N LYS C 197 8.32 -32.20 12.23
CA LYS C 197 8.98 -33.43 12.63
C LYS C 197 9.52 -33.32 14.06
N ASP C 198 9.43 -34.45 14.77
CA ASP C 198 9.97 -34.69 16.11
C ASP C 198 9.32 -33.86 17.20
N THR C 199 8.26 -33.11 16.88
CA THR C 199 7.48 -32.43 17.89
C THR C 199 5.98 -32.60 17.71
N ASN C 200 5.54 -33.09 16.53
CA ASN C 200 4.16 -33.50 16.26
C ASN C 200 3.17 -32.34 16.40
N VAL C 201 3.64 -31.12 16.13
CA VAL C 201 2.80 -29.93 16.09
C VAL C 201 2.78 -29.46 14.64
N LEU C 202 1.69 -28.80 14.25
CA LEU C 202 1.58 -28.25 12.91
C LEU C 202 2.57 -27.10 12.72
N GLU C 203 3.14 -27.03 11.51
CA GLU C 203 4.18 -26.05 11.22
C GLU C 203 3.66 -24.63 11.22
N ILE C 204 2.37 -24.41 10.96
CA ILE C 204 1.88 -23.04 10.94
C ILE C 204 1.69 -22.50 12.34
N GLU C 205 1.70 -23.35 13.37
CA GLU C 205 1.79 -22.85 14.73
C GLU C 205 3.22 -22.49 15.11
N HIS C 206 4.20 -23.05 14.42
CA HIS C 206 5.58 -22.66 14.67
C HIS C 206 5.90 -21.32 14.02
N VAL C 207 5.09 -20.84 13.08
CA VAL C 207 5.39 -19.60 12.38
C VAL C 207 4.43 -18.48 12.73
N ARG C 208 3.28 -18.78 13.35
CA ARG C 208 2.41 -17.69 13.78
C ARG C 208 2.97 -17.00 15.02
N GLU C 209 3.81 -17.68 15.78
CA GLU C 209 4.56 -17.07 16.86
C GLU C 209 5.78 -16.30 16.36
N LEU C 210 6.13 -16.45 15.09
CA LEU C 210 7.36 -15.91 14.54
C LEU C 210 7.13 -14.75 13.60
N ILE C 211 5.90 -14.48 13.20
CA ILE C 211 5.57 -13.41 12.28
C ILE C 211 4.75 -12.31 12.96
N THR C 212 3.86 -12.72 13.88
CA THR C 212 3.03 -11.85 14.74
C THR C 212 2.06 -10.97 13.95
N ALA C 213 1.79 -11.29 12.69
CA ALA C 213 0.61 -10.80 11.99
C ALA C 213 0.12 -11.94 11.13
N GLY C 214 -0.79 -11.64 10.21
CA GLY C 214 -1.45 -12.70 9.47
C GLY C 214 -0.54 -13.33 8.45
N VAL C 215 -0.56 -14.66 8.39
CA VAL C 215 0.06 -15.40 7.30
C VAL C 215 -1.03 -15.56 6.25
N PHE C 216 -1.16 -14.56 5.38
CA PHE C 216 -2.31 -14.50 4.49
C PHE C 216 -2.11 -15.38 3.26
N GLN C 217 -3.05 -15.27 2.34
CA GLN C 217 -3.08 -16.13 1.16
C GLN C 217 -3.76 -15.34 0.06
N SER C 218 -3.02 -14.95 -0.96
CA SER C 218 -3.63 -14.15 -1.99
C SER C 218 -3.62 -14.88 -3.31
N PRO C 219 -4.76 -14.94 -4.00
CA PRO C 219 -4.83 -15.74 -5.24
C PRO C 219 -4.14 -15.10 -6.43
N VAL C 220 -3.78 -13.83 -6.34
CA VAL C 220 -3.07 -13.17 -7.45
C VAL C 220 -1.59 -13.37 -7.19
N LEU C 221 -1.11 -14.56 -7.55
CA LEU C 221 0.30 -14.94 -7.46
C LEU C 221 0.53 -16.14 -8.35
N LYS C 222 1.81 -16.36 -8.67
CA LYS C 222 2.28 -17.51 -9.41
C LYS C 222 2.38 -18.74 -8.50
N GLY C 223 3.24 -19.68 -8.88
CA GLY C 223 3.34 -20.93 -8.15
C GLY C 223 4.25 -20.74 -6.96
N LYS C 224 5.49 -21.22 -7.00
CA LYS C 224 6.38 -21.05 -5.87
C LYS C 224 6.81 -19.58 -5.69
N SER C 225 6.09 -18.84 -4.85
CA SER C 225 6.40 -17.44 -4.60
C SER C 225 5.77 -17.00 -3.28
N GLY C 226 6.39 -16.02 -2.64
CA GLY C 226 5.88 -15.46 -1.40
C GLY C 226 6.72 -14.28 -1.00
N VAL C 227 6.12 -13.43 -0.17
CA VAL C 227 6.76 -12.19 0.26
C VAL C 227 6.54 -11.99 1.75
N ILE C 228 7.61 -11.65 2.47
CA ILE C 228 7.57 -11.31 3.89
C ILE C 228 8.00 -9.86 4.04
N VAL C 229 7.22 -9.08 4.78
CA VAL C 229 7.47 -7.66 4.98
C VAL C 229 7.05 -7.29 6.39
N ASN C 230 7.64 -6.24 6.93
CA ASN C 230 7.20 -5.72 8.21
C ASN C 230 6.37 -4.46 8.02
N THR C 231 5.41 -4.27 8.90
CA THR C 231 4.37 -3.29 8.69
C THR C 231 4.74 -1.95 9.33
N GLY C 232 3.76 -1.06 9.42
CA GLY C 232 3.89 0.21 10.08
C GLY C 232 3.88 1.37 9.11
N ARG C 233 3.68 2.56 9.65
CA ARG C 233 3.97 3.76 8.88
C ARG C 233 5.47 3.97 8.80
N ASN C 234 5.86 4.97 8.01
CA ASN C 234 7.25 5.35 7.66
C ASN C 234 8.07 4.18 7.11
N ASN C 235 7.42 3.09 6.70
CA ASN C 235 8.04 2.00 5.98
C ASN C 235 7.38 1.78 4.62
N LEU C 236 6.07 1.60 4.59
CA LEU C 236 5.28 1.58 3.37
C LEU C 236 3.84 1.84 3.75
N ASP C 237 3.12 2.58 2.91
CA ASP C 237 1.71 2.84 3.16
C ASP C 237 1.00 3.02 1.83
N LEU C 238 -0.31 3.19 1.91
CA LEU C 238 -1.19 3.17 0.74
C LEU C 238 -1.82 4.54 0.59
N ALA C 239 -1.37 5.30 -0.39
CA ALA C 239 -1.91 6.63 -0.64
C ALA C 239 -3.26 6.51 -1.31
N ILE C 240 -4.32 6.94 -0.63
CA ILE C 240 -5.68 6.84 -1.14
C ILE C 240 -6.14 8.23 -1.52
N SER C 241 -7.11 8.29 -2.43
CA SER C 241 -7.64 9.57 -2.87
C SER C 241 -9.16 9.56 -2.90
N GLU C 242 -9.74 8.38 -3.06
CA GLU C 242 -11.18 8.23 -3.20
C GLU C 242 -11.51 6.76 -3.01
N ASP C 243 -12.50 6.47 -2.17
CA ASP C 243 -12.90 5.10 -1.94
C ASP C 243 -13.96 4.66 -2.96
N PHE C 244 -14.57 3.51 -2.72
CA PHE C 244 -15.45 2.87 -3.69
C PHE C 244 -16.76 3.63 -3.76
N GLU C 245 -16.79 4.66 -4.59
CA GLU C 245 -18.00 5.41 -4.83
C GLU C 245 -18.54 5.06 -6.20
N THR C 246 -19.85 4.91 -6.30
CA THR C 246 -20.51 4.58 -7.55
C THR C 246 -21.10 5.83 -8.18
N ALA C 247 -20.91 5.98 -9.48
CA ALA C 247 -21.37 7.15 -10.22
C ALA C 247 -22.43 6.75 -11.22
N TYR C 248 -23.48 7.57 -11.31
CA TYR C 248 -24.58 7.31 -12.23
C TYR C 248 -24.29 8.00 -13.55
N LEU C 249 -24.01 7.23 -14.59
CA LEU C 249 -23.93 7.81 -15.92
C LEU C 249 -25.32 8.20 -16.38
N GLY C 250 -25.37 9.13 -17.34
CA GLY C 250 -26.66 9.59 -17.89
C GLY C 250 -27.45 8.44 -18.49
N GLU C 251 -28.68 8.22 -18.03
CA GLU C 251 -29.50 7.10 -18.56
C GLU C 251 -29.58 7.20 -20.09
N GLU C 252 -28.69 6.52 -20.80
CA GLU C 252 -28.70 6.55 -22.29
C GLU C 252 -29.83 5.66 -22.79
N GLY C 253 -30.38 5.93 -23.97
CA GLY C 253 -31.49 5.13 -24.51
C GLY C 253 -32.64 5.05 -23.52
N MET C 254 -32.84 3.90 -22.89
CA MET C 254 -33.94 3.75 -21.90
C MET C 254 -33.41 3.00 -20.67
N ASN C 255 -32.20 2.47 -20.74
CA ASN C 255 -31.61 1.71 -19.60
C ASN C 255 -30.80 2.65 -18.71
N HIS C 256 -30.32 2.16 -17.58
CA HIS C 256 -29.53 2.94 -16.64
C HIS C 256 -28.19 2.26 -16.42
N PRO C 257 -27.12 2.78 -17.00
CA PRO C 257 -25.80 2.20 -16.72
C PRO C 257 -25.18 2.82 -15.48
N PHE C 258 -24.02 2.32 -15.07
CA PHE C 258 -23.36 2.80 -13.86
C PHE C 258 -21.86 2.58 -14.03
N ARG C 259 -21.10 2.93 -12.99
CA ARG C 259 -19.66 2.73 -12.96
C ARG C 259 -19.16 2.86 -11.54
N VAL C 260 -18.37 1.88 -11.08
CA VAL C 260 -17.69 1.97 -9.79
C VAL C 260 -16.22 2.30 -10.04
N TYR C 261 -15.62 3.00 -9.09
CA TYR C 261 -14.25 3.48 -9.27
C TYR C 261 -13.67 3.83 -7.92
N GLU C 262 -12.35 3.70 -7.81
CA GLU C 262 -11.60 4.20 -6.67
C GLU C 262 -10.15 4.37 -7.09
N THR C 263 -9.54 5.48 -6.69
CA THR C 263 -8.22 5.87 -7.16
C THR C 263 -7.22 5.76 -6.02
N VAL C 264 -6.26 4.85 -6.16
CA VAL C 264 -5.34 4.54 -5.06
C VAL C 264 -3.99 4.17 -5.65
N VAL C 265 -2.94 4.42 -4.88
CA VAL C 265 -1.57 4.12 -5.29
C VAL C 265 -0.75 3.79 -4.05
N LEU C 266 0.00 2.68 -4.12
CA LEU C 266 0.95 2.32 -3.08
C LEU C 266 2.28 3.01 -3.32
N ARG C 267 2.87 3.57 -2.26
CA ARG C 267 4.22 4.10 -2.33
C ARG C 267 5.09 3.41 -1.28
N ILE C 268 6.28 3.00 -1.70
CA ILE C 268 7.25 2.31 -0.86
C ILE C 268 8.26 3.31 -0.37
N LYS C 269 8.41 3.44 0.94
CA LYS C 269 9.36 4.41 1.46
C LYS C 269 10.76 3.83 1.62
N ARG C 270 10.88 2.60 2.11
CA ARG C 270 12.18 2.01 2.41
C ARG C 270 12.23 0.59 1.87
N PRO C 271 12.86 0.38 0.71
CA PRO C 271 12.78 -0.93 0.05
C PRO C 271 13.59 -2.02 0.71
N ALA C 272 14.45 -1.71 1.67
CA ALA C 272 15.24 -2.75 2.30
C ALA C 272 14.44 -3.59 3.30
N ALA C 273 13.23 -3.16 3.65
CA ALA C 273 12.44 -3.86 4.65
C ALA C 273 11.48 -4.87 4.04
N ILE C 274 11.74 -5.32 2.82
CA ILE C 274 10.98 -6.38 2.17
C ILE C 274 11.91 -7.56 1.97
N CYS C 275 11.36 -8.77 1.94
CA CYS C 275 12.09 -9.96 1.52
C CYS C 275 11.17 -10.83 0.70
N THR C 276 11.71 -11.39 -0.38
CA THR C 276 10.90 -12.07 -1.38
C THR C 276 11.36 -13.51 -1.50
N LEU C 277 10.45 -14.44 -1.26
CA LEU C 277 10.71 -15.85 -1.52
C LEU C 277 10.48 -16.11 -3.01
N ILE C 278 11.52 -16.53 -3.71
CA ILE C 278 11.50 -16.58 -5.17
C ILE C 278 11.43 -18.01 -5.70
N ASP C 279 12.22 -18.93 -5.15
CA ASP C 279 12.36 -20.30 -5.64
C ASP C 279 12.63 -20.43 -7.14
N PRO C 280 13.76 -19.91 -7.64
CA PRO C 280 14.00 -20.03 -9.08
C PRO C 280 14.53 -21.41 -9.43
N GLU C 281 13.64 -22.25 -9.94
CA GLU C 281 13.95 -23.65 -10.26
C GLU C 281 13.63 -23.95 -11.70
N GLU C 282 13.66 -22.93 -12.56
CA GLU C 282 13.26 -23.07 -13.95
C GLU C 282 14.45 -22.89 -14.88
N LEU D 6 3.96 24.19 24.14
CA LEU D 6 5.02 24.84 24.88
C LEU D 6 6.29 24.96 24.05
N TYR D 7 6.73 26.19 23.79
CA TYR D 7 7.93 26.47 23.03
C TYR D 7 8.32 27.93 23.24
N PRO D 8 9.59 28.28 23.04
CA PRO D 8 9.94 29.69 22.82
C PRO D 8 9.34 30.24 21.54
N ASP D 9 9.66 29.63 20.40
CA ASP D 9 9.10 30.03 19.11
C ASP D 9 9.35 28.90 18.12
N SER D 10 8.53 28.86 17.04
CA SER D 10 8.52 27.76 16.08
C SER D 10 7.77 28.14 14.79
N PRO D 11 8.11 27.54 13.64
CA PRO D 11 7.30 27.72 12.43
C PRO D 11 6.17 26.71 12.31
N LEU D 12 5.81 26.08 13.43
CA LEU D 12 4.76 25.07 13.48
C LEU D 12 3.67 25.51 14.44
N THR D 13 2.75 24.60 14.73
CA THR D 13 1.62 24.85 15.60
C THR D 13 1.85 24.09 16.91
N ASP D 14 1.36 24.66 18.02
CA ASP D 14 1.49 24.03 19.33
C ASP D 14 0.82 22.66 19.38
N GLN D 15 -0.31 22.51 18.70
CA GLN D 15 -0.93 21.19 18.58
C GLN D 15 -0.14 20.26 17.67
N ASP D 16 0.66 20.81 16.77
CA ASP D 16 1.41 20.04 15.80
C ASP D 16 2.83 19.74 16.28
N PHE D 17 3.43 20.63 17.06
CA PHE D 17 4.75 20.38 17.61
C PHE D 17 4.72 19.28 18.65
N ASN D 18 3.56 19.04 19.27
CA ASN D 18 3.40 17.88 20.12
C ASN D 18 3.35 16.59 19.34
N GLN D 19 2.90 16.63 18.09
CA GLN D 19 2.88 15.41 17.28
C GLN D 19 4.27 15.02 16.83
N LEU D 20 5.17 15.98 16.67
CA LEU D 20 6.56 15.66 16.36
C LEU D 20 7.23 14.97 17.53
N ASP D 21 6.88 15.36 18.75
CA ASP D 21 7.47 14.76 19.93
C ASP D 21 6.95 13.35 20.17
N GLN D 22 5.83 12.98 19.57
CA GLN D 22 5.33 11.62 19.71
C GLN D 22 5.86 10.69 18.63
N THR D 23 6.20 11.24 17.46
CA THR D 23 6.81 10.43 16.43
C THR D 23 8.24 10.06 16.80
N VAL D 24 8.91 10.89 17.59
CA VAL D 24 10.30 10.63 17.93
C VAL D 24 10.43 9.66 19.10
N ILE D 25 9.40 9.48 19.92
CA ILE D 25 9.46 8.52 21.01
C ILE D 25 8.63 7.27 20.75
N GLU D 26 7.78 7.26 19.72
CA GLU D 26 7.23 5.99 19.27
C GLU D 26 8.30 5.16 18.60
N ALA D 27 9.11 5.78 17.75
CA ALA D 27 10.15 5.10 17.00
C ALA D 27 11.43 4.94 17.79
N ALA D 28 11.43 5.26 19.07
CA ALA D 28 12.57 5.00 19.92
C ALA D 28 12.39 3.72 20.74
N ARG D 29 11.20 3.53 21.32
CA ARG D 29 10.91 2.33 22.10
C ARG D 29 10.94 1.06 21.27
N ARG D 30 10.72 1.17 19.97
CA ARG D 30 10.72 0.03 19.09
C ARG D 30 12.11 -0.40 18.67
N GLN D 31 13.16 0.31 19.08
CA GLN D 31 14.48 0.10 18.52
C GLN D 31 15.52 -0.35 19.53
N LEU D 32 15.71 0.38 20.63
CA LEU D 32 16.89 0.15 21.45
C LEU D 32 16.67 -0.98 22.45
N VAL D 33 17.75 -1.68 22.77
CA VAL D 33 17.72 -2.83 23.67
C VAL D 33 18.54 -2.61 24.93
N GLY D 34 19.18 -1.45 25.07
CA GLY D 34 19.98 -1.22 26.26
C GLY D 34 19.13 -0.98 27.49
N ARG D 35 18.10 -0.16 27.37
CA ARG D 35 17.26 0.21 28.49
C ARG D 35 16.11 -0.76 28.72
N ARG D 36 16.24 -1.99 28.23
CA ARG D 36 15.21 -2.99 28.45
C ARG D 36 15.51 -3.87 29.65
N PHE D 37 16.78 -4.12 29.94
CA PHE D 37 17.16 -4.96 31.08
C PHE D 37 18.12 -4.25 32.03
N ILE D 38 18.36 -2.96 31.85
CA ILE D 38 19.32 -2.22 32.66
C ILE D 38 18.56 -1.14 33.40
N GLU D 39 18.69 -1.12 34.72
CA GLU D 39 17.95 -0.17 35.54
C GLU D 39 18.41 1.25 35.28
N LEU D 40 17.48 2.19 35.42
CA LEU D 40 17.71 3.57 35.06
C LEU D 40 18.15 4.38 36.26
N TYR D 41 18.84 5.47 35.98
CA TYR D 41 19.18 6.47 36.99
C TYR D 41 18.22 7.64 36.85
N GLY D 42 18.14 8.45 37.91
CA GLY D 42 17.22 9.56 37.95
C GLY D 42 17.60 10.62 36.96
N PRO D 43 16.62 11.37 36.45
CA PRO D 43 16.92 12.44 35.50
C PRO D 43 17.62 13.59 36.20
N LEU D 44 18.92 13.71 35.95
CA LEU D 44 19.74 14.66 36.68
C LEU D 44 19.56 16.10 36.21
N GLY D 45 18.81 16.32 35.14
CA GLY D 45 18.65 17.65 34.60
C GLY D 45 19.91 18.09 33.88
N ARG D 46 20.06 19.40 33.74
CA ARG D 46 21.23 19.97 33.10
C ARG D 46 22.25 20.49 34.08
N GLY D 47 22.01 20.35 35.38
CA GLY D 47 22.99 20.78 36.36
C GLY D 47 24.19 19.86 36.47
N MET D 48 24.05 18.61 36.06
CA MET D 48 25.13 17.64 36.12
C MET D 48 25.88 17.60 34.79
N GLN D 49 27.19 17.44 34.87
CA GLN D 49 28.01 17.32 33.68
C GLN D 49 29.08 16.26 33.83
N SER D 50 29.22 15.62 34.99
CA SER D 50 30.19 14.56 35.21
C SER D 50 29.66 13.63 36.29
N VAL D 51 29.88 12.33 36.11
CA VAL D 51 29.39 11.35 37.07
C VAL D 51 30.58 10.62 37.69
N PHE D 52 30.32 9.99 38.83
CA PHE D 52 31.35 9.34 39.64
C PHE D 52 30.93 7.89 39.86
N ASN D 53 31.76 6.95 39.43
CA ASN D 53 31.53 5.55 39.73
C ASN D 53 32.74 4.99 40.44
N ASP D 54 32.63 3.74 40.88
CA ASP D 54 33.66 3.15 41.74
C ASP D 54 33.66 1.64 41.61
N ILE D 55 34.77 1.10 41.11
CA ILE D 55 34.90 -0.33 40.87
C ILE D 55 35.09 -1.05 42.21
N PHE D 56 34.65 -2.31 42.30
CA PHE D 56 34.74 -2.99 43.59
C PHE D 56 35.59 -4.26 43.57
N MET D 57 35.36 -5.18 42.64
CA MET D 57 36.28 -6.29 42.32
C MET D 57 36.52 -7.23 43.51
N GLU D 58 35.48 -8.04 43.81
CA GLU D 58 35.55 -9.17 44.74
C GLU D 58 35.84 -8.74 46.18
N SER D 59 34.84 -8.10 46.77
CA SER D 59 34.96 -7.39 48.04
C SER D 59 35.13 -8.36 49.22
N HIS D 60 35.09 -7.79 50.43
CA HIS D 60 35.54 -8.43 51.66
C HIS D 60 34.50 -9.40 52.21
N GLU D 61 34.68 -9.79 53.47
CA GLU D 61 33.88 -10.80 54.15
C GLU D 61 33.18 -10.15 55.35
N ALA D 62 32.53 -10.99 56.16
CA ALA D 62 31.74 -10.54 57.29
C ALA D 62 32.38 -10.98 58.60
N LYS D 63 31.70 -10.72 59.71
CA LYS D 63 32.17 -11.09 61.03
C LYS D 63 31.18 -12.03 61.71
N MET D 64 31.67 -12.77 62.71
CA MET D 64 30.85 -13.69 63.48
C MET D 64 31.15 -13.55 64.96
N ASP D 65 31.20 -12.33 65.45
CA ASP D 65 31.48 -12.11 66.87
C ASP D 65 30.18 -12.24 67.66
N PHE D 66 30.31 -12.14 68.99
CA PHE D 66 29.17 -12.28 69.88
C PHE D 66 28.63 -10.94 70.38
N GLN D 67 29.51 -9.99 70.68
CA GLN D 67 29.11 -8.73 71.31
C GLN D 67 29.39 -7.50 70.46
N GLY D 68 30.12 -7.63 69.37
CA GLY D 68 30.42 -6.51 68.51
C GLY D 68 31.90 -6.22 68.46
N SER D 69 32.24 -5.09 67.88
CA SER D 69 33.62 -4.63 67.80
C SER D 69 33.63 -3.11 67.70
N PHE D 70 34.82 -2.53 67.75
CA PHE D 70 34.93 -1.05 67.77
C PHE D 70 35.28 -0.43 66.41
N ASP D 71 36.27 -0.95 65.69
CA ASP D 71 36.64 -0.28 64.44
C ASP D 71 35.73 -0.70 63.30
N THR D 72 35.56 0.22 62.35
CA THR D 72 34.75 -0.02 61.16
C THR D 72 35.67 -0.31 59.99
N GLU D 73 35.39 -1.40 59.28
CA GLU D 73 36.24 -1.86 58.19
C GLU D 73 35.42 -1.87 56.90
N VAL D 74 35.72 -0.91 56.02
CA VAL D 74 35.03 -0.78 54.74
C VAL D 74 36.06 -1.13 53.67
N GLU D 75 35.57 -1.50 52.48
CA GLU D 75 36.41 -1.90 51.37
C GLU D 75 36.87 -0.69 50.55
N SER D 76 37.45 -0.96 49.38
CA SER D 76 38.06 0.06 48.54
C SER D 76 37.06 0.60 47.53
N SER D 77 37.41 1.74 46.93
CA SER D 77 36.51 2.45 46.03
C SER D 77 37.06 2.60 44.63
N ARG D 78 38.26 3.19 44.48
CA ARG D 78 38.92 3.50 43.20
C ARG D 78 38.03 4.34 42.29
N ARG D 79 37.76 5.57 42.75
CA ARG D 79 36.84 6.45 42.05
C ARG D 79 37.44 6.93 40.73
N VAL D 80 36.68 6.74 39.65
CA VAL D 80 37.00 7.30 38.35
C VAL D 80 35.91 8.28 37.98
N ASN D 81 36.28 9.37 37.33
CA ASN D 81 35.33 10.43 36.98
C ASN D 81 35.06 10.38 35.48
N TYR D 82 33.82 10.08 35.11
CA TYR D 82 33.41 10.08 33.71
C TYR D 82 32.81 11.43 33.34
N THR D 83 32.73 11.68 32.04
CA THR D 83 32.10 12.88 31.51
C THR D 83 30.94 12.51 30.61
N ILE D 84 29.94 13.38 30.53
CA ILE D 84 28.69 13.10 29.85
C ILE D 84 28.78 13.67 28.43
N PRO D 85 28.65 12.83 27.40
CA PRO D 85 28.57 13.35 26.04
C PRO D 85 27.12 13.51 25.60
N MET D 86 26.94 14.14 24.44
CA MET D 86 25.63 14.18 23.80
C MET D 86 25.70 13.44 22.47
N LEU D 87 24.66 12.65 22.21
CA LEU D 87 24.53 11.89 20.99
C LEU D 87 23.39 12.49 20.20
N TYR D 88 23.60 12.75 18.92
CA TYR D 88 22.60 13.48 18.16
C TYR D 88 22.69 13.15 16.68
N LYS D 89 21.68 13.61 15.95
CA LYS D 89 21.56 13.49 14.51
C LYS D 89 20.48 14.46 14.09
N ASP D 90 20.71 15.19 13.00
CA ASP D 90 19.89 16.31 12.62
C ASP D 90 19.15 16.05 11.31
N PHE D 91 17.97 16.66 11.18
CA PHE D 91 17.08 16.41 10.05
C PHE D 91 16.34 17.70 9.72
N VAL D 92 15.86 17.79 8.49
CA VAL D 92 15.30 19.04 7.97
C VAL D 92 13.89 18.79 7.44
N LEU D 93 13.01 19.75 7.68
CA LEU D 93 11.68 19.79 7.08
C LEU D 93 11.70 20.87 6.00
N TYR D 94 11.35 20.49 4.78
CA TYR D 94 11.61 21.36 3.65
C TYR D 94 10.61 22.51 3.59
N TRP D 95 11.01 23.55 2.87
CA TRP D 95 10.21 24.77 2.81
C TRP D 95 9.01 24.60 1.89
N ARG D 96 9.21 23.95 0.76
CA ARG D 96 8.17 23.82 -0.25
C ARG D 96 7.10 22.83 0.18
N ASP D 97 7.50 21.67 0.69
CA ASP D 97 6.55 20.60 0.98
C ASP D 97 5.74 20.87 2.24
N LEU D 98 6.32 21.57 3.22
CA LEU D 98 5.55 21.93 4.40
C LEU D 98 4.52 22.97 4.09
N GLU D 99 4.87 23.94 3.26
CA GLU D 99 3.97 25.04 2.94
C GLU D 99 2.88 24.61 1.99
N GLN D 100 3.12 23.56 1.22
CA GLN D 100 2.09 23.04 0.32
C GLN D 100 1.01 22.29 1.08
N SER D 101 1.38 21.59 2.17
CA SER D 101 0.44 20.74 2.89
C SER D 101 -0.65 21.52 3.62
N LYS D 102 -0.50 22.82 3.81
CA LYS D 102 -1.60 23.62 4.35
C LYS D 102 -2.34 24.39 3.27
N ALA D 103 -1.81 24.43 2.05
CA ALA D 103 -2.54 25.05 0.96
C ALA D 103 -3.68 24.18 0.46
N LEU D 104 -3.63 22.87 0.70
CA LEU D 104 -4.71 21.98 0.31
C LEU D 104 -5.06 21.01 1.43
N ASP D 105 -4.68 21.34 2.67
CA ASP D 105 -5.20 20.76 3.91
C ASP D 105 -4.95 19.25 4.00
N ILE D 106 -3.68 18.90 4.08
CA ILE D 106 -3.24 17.53 4.33
C ILE D 106 -2.34 17.55 5.57
N PRO D 107 -2.49 16.60 6.50
CA PRO D 107 -1.58 16.55 7.65
C PRO D 107 -0.16 16.21 7.21
N ILE D 108 0.80 16.81 7.92
CA ILE D 108 2.19 16.82 7.48
C ILE D 108 2.81 15.44 7.63
N ASP D 109 3.68 15.09 6.69
CA ASP D 109 4.52 13.92 6.86
C ASP D 109 5.51 14.13 7.99
N PHE D 110 5.89 13.04 8.63
CA PHE D 110 6.94 13.11 9.64
C PHE D 110 7.83 11.90 9.59
N SER D 111 7.95 11.27 8.42
CA SER D 111 8.76 10.07 8.28
C SER D 111 10.24 10.35 8.36
N VAL D 112 10.66 11.62 8.27
CA VAL D 112 12.07 11.92 8.44
C VAL D 112 12.46 11.81 9.91
N ALA D 113 11.56 12.18 10.81
CA ALA D 113 11.89 12.21 12.23
C ALA D 113 12.07 10.81 12.80
N ALA D 114 11.24 9.87 12.35
CA ALA D 114 11.43 8.48 12.78
C ALA D 114 12.70 7.89 12.21
N ASN D 115 13.12 8.35 11.03
CA ASN D 115 14.39 7.94 10.49
C ASN D 115 15.56 8.63 11.18
N ALA D 116 15.33 9.73 11.89
CA ALA D 116 16.39 10.35 12.66
C ALA D 116 16.49 9.77 14.07
N ALA D 117 15.36 9.38 14.67
CA ALA D 117 15.40 8.70 15.94
C ALA D 117 15.88 7.27 15.80
N ARG D 118 15.78 6.71 14.59
CA ARG D 118 16.36 5.40 14.32
C ARG D 118 17.87 5.43 14.47
N ASP D 119 18.49 6.53 14.07
CA ASP D 119 19.93 6.66 14.14
C ASP D 119 20.41 6.83 15.58
N VAL D 120 19.90 7.84 16.28
CA VAL D 120 20.44 8.21 17.57
C VAL D 120 20.12 7.18 18.64
N ALA D 121 19.12 6.33 18.42
CA ALA D 121 18.93 5.21 19.33
C ALA D 121 19.86 4.05 18.98
N PHE D 122 20.21 3.90 17.71
CA PHE D 122 21.14 2.85 17.33
C PHE D 122 22.56 3.19 17.78
N LEU D 123 22.95 4.45 17.65
CA LEU D 123 24.27 4.86 18.13
C LEU D 123 24.34 4.84 19.64
N GLU D 124 23.20 4.96 20.31
CA GLU D 124 23.18 4.81 21.76
C GLU D 124 23.48 3.37 22.16
N ASP D 125 23.13 2.39 21.32
CA ASP D 125 23.54 1.02 21.61
C ASP D 125 24.98 0.76 21.24
N GLN D 126 25.53 1.50 20.28
CA GLN D 126 26.93 1.31 19.93
C GLN D 126 27.86 1.87 20.99
N MET D 127 27.39 2.80 21.82
CA MET D 127 28.22 3.32 22.89
C MET D 127 28.25 2.37 24.08
N ILE D 128 27.11 1.76 24.41
CA ILE D 128 27.06 0.94 25.61
C ILE D 128 27.69 -0.43 25.37
N PHE D 129 27.62 -0.96 24.17
CA PHE D 129 28.15 -2.28 23.91
C PHE D 129 29.60 -2.28 23.47
N HIS D 130 30.16 -1.13 23.11
CA HIS D 130 31.55 -1.11 22.66
C HIS D 130 32.38 0.05 23.18
N GLY D 131 31.79 1.06 23.79
CA GLY D 131 32.56 2.10 24.43
C GLY D 131 33.09 3.17 23.50
N SER D 132 33.14 4.41 23.99
CA SER D 132 33.65 5.53 23.21
C SER D 132 35.11 5.79 23.58
N LYS D 133 35.97 5.82 22.57
CA LYS D 133 37.39 6.03 22.78
C LYS D 133 37.71 7.49 23.10
N GLU D 134 36.89 8.43 22.64
CA GLU D 134 37.20 9.85 22.80
C GLU D 134 37.10 10.28 24.25
N PHE D 135 36.16 9.72 24.99
CA PHE D 135 35.96 10.06 26.39
C PHE D 135 36.46 8.98 27.33
N ASP D 136 36.86 7.83 26.80
CA ASP D 136 37.37 6.67 27.53
C ASP D 136 36.39 6.19 28.60
N ILE D 137 35.22 5.75 28.13
CA ILE D 137 34.27 5.06 28.99
C ILE D 137 34.14 3.64 28.43
N PRO D 138 34.18 2.61 29.26
CA PRO D 138 34.21 1.24 28.74
C PRO D 138 32.82 0.65 28.56
N GLY D 139 32.72 -0.23 27.57
CA GLY D 139 31.47 -0.88 27.25
C GLY D 139 31.28 -2.19 27.99
N LEU D 140 30.29 -2.95 27.54
CA LEU D 140 30.04 -4.26 28.13
C LEU D 140 30.89 -5.36 27.54
N MET D 141 31.76 -5.04 26.59
CA MET D 141 32.71 -6.00 26.06
C MET D 141 34.14 -5.48 26.14
N ASN D 142 34.36 -4.39 26.88
CA ASN D 142 35.66 -3.77 27.01
C ASN D 142 36.12 -3.64 28.44
N VAL D 143 35.29 -4.00 29.41
CA VAL D 143 35.59 -3.73 30.81
C VAL D 143 36.67 -4.67 31.31
N LYS D 144 37.39 -4.22 32.33
CA LYS D 144 38.61 -4.92 32.80
C LYS D 144 38.23 -5.98 33.81
N GLY D 145 38.24 -7.23 33.36
CA GLY D 145 37.95 -8.37 34.20
C GLY D 145 36.50 -8.77 34.02
N ARG D 146 36.24 -9.72 33.12
CA ARG D 146 34.87 -9.94 32.70
C ARG D 146 34.51 -11.39 32.43
N LEU D 147 35.33 -12.36 32.86
CA LEU D 147 35.03 -13.80 32.84
C LEU D 147 34.70 -14.30 31.43
N THR D 148 35.73 -14.27 30.57
CA THR D 148 35.56 -14.75 29.20
C THR D 148 35.33 -16.25 29.18
N HIS D 149 34.62 -16.71 28.16
CA HIS D 149 34.28 -18.12 28.04
C HIS D 149 34.05 -18.44 26.57
N LEU D 150 34.63 -19.54 26.10
CA LEU D 150 34.53 -19.89 24.70
C LEU D 150 33.20 -20.59 24.42
N ILE D 151 32.84 -20.68 23.15
CA ILE D 151 31.54 -21.22 22.78
C ILE D 151 31.64 -22.57 22.08
N GLY D 152 32.77 -22.87 21.43
CA GLY D 152 32.99 -24.19 20.87
C GLY D 152 32.09 -24.59 19.71
N ASN D 153 31.57 -23.62 18.96
CA ASN D 153 30.77 -23.81 17.75
C ASN D 153 29.51 -24.64 18.04
N TRP D 154 28.64 -24.06 18.86
CA TRP D 154 27.31 -24.66 19.03
C TRP D 154 26.51 -24.30 17.79
N TYR D 155 26.47 -25.24 16.84
CA TYR D 155 25.84 -25.01 15.56
C TYR D 155 24.60 -25.87 15.35
N GLU D 156 24.74 -27.19 15.43
CA GLU D 156 23.67 -28.08 15.00
C GLU D 156 23.26 -29.10 16.05
N SER D 157 24.16 -29.49 16.93
CA SER D 157 23.85 -30.49 17.94
C SER D 157 23.08 -29.86 19.10
N GLY D 158 22.99 -30.56 20.22
CA GLY D 158 22.30 -30.02 21.36
C GLY D 158 23.19 -29.26 22.33
N ASN D 159 24.34 -28.79 21.86
CA ASN D 159 25.27 -28.04 22.70
C ASN D 159 24.95 -26.56 22.74
N ALA D 160 23.82 -26.14 22.19
CA ALA D 160 23.35 -24.79 22.39
C ALA D 160 22.91 -24.58 23.83
N PHE D 161 22.09 -25.48 24.35
CA PHE D 161 21.69 -25.41 25.75
C PHE D 161 22.84 -25.78 26.67
N GLN D 162 23.76 -26.62 26.20
CA GLN D 162 24.85 -27.09 27.05
C GLN D 162 25.92 -26.04 27.24
N ASP D 163 26.03 -25.06 26.35
CA ASP D 163 27.11 -24.10 26.47
C ASP D 163 26.75 -22.91 27.32
N ILE D 164 25.51 -22.41 27.20
CA ILE D 164 25.14 -21.25 28.01
C ILE D 164 24.66 -21.63 29.39
N VAL D 165 24.53 -22.93 29.69
CA VAL D 165 24.42 -23.34 31.08
C VAL D 165 25.81 -23.44 31.70
N GLU D 166 26.85 -23.56 30.88
CA GLU D 166 28.20 -23.55 31.41
C GLU D 166 28.65 -22.14 31.75
N ALA D 167 28.19 -21.15 30.99
CA ALA D 167 28.50 -19.76 31.32
C ALA D 167 27.77 -19.34 32.59
N ARG D 168 26.55 -19.83 32.78
CA ARG D 168 25.82 -19.53 33.99
C ARG D 168 26.40 -20.23 35.20
N ASN D 169 27.14 -21.31 35.01
CA ASN D 169 27.80 -21.97 36.13
C ASN D 169 29.07 -21.23 36.53
N LYS D 170 29.81 -20.72 35.55
CA LYS D 170 31.05 -20.01 35.81
C LYS D 170 30.81 -18.71 36.57
N LEU D 171 29.68 -18.08 36.32
CA LEU D 171 29.31 -16.86 37.01
C LEU D 171 28.58 -17.12 38.32
N LEU D 172 28.10 -18.34 38.55
CA LEU D 172 27.41 -18.63 39.79
C LEU D 172 28.36 -19.00 40.92
N GLU D 173 29.56 -19.44 40.61
CA GLU D 173 30.52 -19.78 41.66
C GLU D 173 31.26 -18.57 42.20
N MET D 174 30.83 -17.35 41.86
CA MET D 174 31.37 -16.14 42.45
C MET D 174 30.30 -15.39 43.25
N ASN D 175 29.28 -16.11 43.72
CA ASN D 175 28.14 -15.58 44.46
C ASN D 175 27.45 -14.44 43.71
N HIS D 176 26.99 -14.78 42.51
CA HIS D 176 26.12 -13.91 41.71
C HIS D 176 24.90 -14.73 41.28
N ASN D 177 23.88 -14.73 42.12
CA ASN D 177 22.60 -15.30 41.77
C ASN D 177 21.75 -14.21 41.14
N GLY D 178 20.46 -14.45 41.01
CA GLY D 178 19.56 -13.43 40.54
C GLY D 178 19.28 -13.55 39.07
N PRO D 179 18.37 -12.72 38.58
CA PRO D 179 17.84 -12.90 37.23
C PRO D 179 18.83 -12.45 36.16
N TYR D 180 19.43 -13.42 35.49
CA TYR D 180 20.39 -13.12 34.44
C TYR D 180 19.66 -12.63 33.20
N ALA D 181 20.42 -12.02 32.29
CA ALA D 181 19.86 -11.59 31.02
C ALA D 181 20.84 -11.93 29.91
N LEU D 182 20.33 -12.10 28.71
CA LEU D 182 21.14 -12.58 27.60
C LEU D 182 20.90 -11.71 26.37
N VAL D 183 21.98 -11.29 25.72
CA VAL D 183 21.91 -10.50 24.51
C VAL D 183 22.84 -11.15 23.49
N LEU D 184 22.30 -11.54 22.34
CA LEU D 184 23.05 -12.33 21.37
C LEU D 184 23.12 -11.66 20.01
N SER D 185 24.11 -12.08 19.24
CA SER D 185 24.21 -11.74 17.84
C SER D 185 23.03 -12.35 17.07
N PRO D 186 22.57 -11.70 15.99
CA PRO D 186 21.49 -12.28 15.20
C PRO D 186 21.89 -13.51 14.42
N GLU D 187 23.17 -13.72 14.16
CA GLU D 187 23.62 -14.97 13.57
C GLU D 187 23.41 -16.14 14.51
N LEU D 188 23.50 -15.89 15.81
CA LEU D 188 23.32 -16.92 16.81
C LEU D 188 21.88 -17.03 17.28
N TYR D 189 21.15 -15.92 17.20
CA TYR D 189 19.76 -15.92 17.65
C TYR D 189 18.86 -16.70 16.71
N SER D 190 19.17 -16.67 15.41
CA SER D 190 18.43 -17.51 14.47
C SER D 190 18.81 -18.97 14.61
N LEU D 191 20.04 -19.24 15.05
CA LEU D 191 20.52 -20.60 15.24
C LEU D 191 19.86 -21.28 16.42
N LEU D 192 19.26 -20.52 17.32
CA LEU D 192 18.73 -21.03 18.56
C LEU D 192 17.26 -21.40 18.45
N HIS D 193 16.71 -21.43 17.23
CA HIS D 193 15.30 -21.68 17.02
C HIS D 193 15.01 -23.06 16.44
N ARG D 194 15.98 -23.95 16.44
CA ARG D 194 15.69 -25.31 16.00
C ARG D 194 15.11 -26.09 17.16
N VAL D 195 14.69 -27.31 16.89
CA VAL D 195 14.18 -28.16 17.96
C VAL D 195 15.35 -28.69 18.77
N HIS D 196 15.17 -28.78 20.09
CA HIS D 196 16.12 -29.48 20.93
C HIS D 196 16.17 -30.94 20.51
N LYS D 197 17.34 -31.56 20.68
CA LYS D 197 17.52 -32.93 20.23
C LYS D 197 16.65 -33.88 21.05
N ASP D 198 15.79 -34.62 20.36
CA ASP D 198 14.91 -35.69 20.87
C ASP D 198 14.03 -35.27 22.05
N THR D 199 13.72 -33.97 22.20
CA THR D 199 12.92 -33.57 23.34
C THR D 199 11.83 -32.57 22.94
N ASN D 200 11.37 -32.65 21.69
CA ASN D 200 10.14 -32.07 21.13
C ASN D 200 9.83 -30.60 21.41
N VAL D 201 10.82 -29.82 21.87
CA VAL D 201 10.66 -28.41 22.19
C VAL D 201 11.76 -27.68 21.45
N LEU D 202 11.48 -26.45 21.02
CA LEU D 202 12.54 -25.58 20.52
C LEU D 202 13.56 -25.28 21.62
N GLU D 203 14.78 -24.94 21.20
CA GLU D 203 15.83 -24.55 22.14
C GLU D 203 15.47 -23.27 22.87
N ILE D 204 14.71 -22.39 22.21
CA ILE D 204 14.44 -21.06 22.75
C ILE D 204 13.46 -21.09 23.91
N GLU D 205 12.76 -22.20 24.14
CA GLU D 205 11.88 -22.28 25.29
C GLU D 205 12.56 -22.93 26.48
N HIS D 206 13.53 -23.80 26.26
CA HIS D 206 14.30 -24.34 27.37
C HIS D 206 15.28 -23.31 27.91
N VAL D 207 15.75 -22.42 27.05
CA VAL D 207 16.72 -21.41 27.48
C VAL D 207 16.03 -20.35 28.33
N ARG D 208 14.82 -19.94 27.95
CA ARG D 208 14.17 -18.80 28.58
C ARG D 208 13.71 -19.07 30.01
N GLU D 209 13.68 -20.33 30.44
CA GLU D 209 13.48 -20.61 31.86
C GLU D 209 14.78 -20.64 32.64
N LEU D 210 15.90 -20.75 31.96
CA LEU D 210 17.22 -20.73 32.59
C LEU D 210 17.76 -19.33 32.75
N ILE D 211 17.13 -18.34 32.13
CA ILE D 211 17.60 -16.97 32.12
C ILE D 211 16.57 -16.02 32.73
N THR D 212 15.29 -16.17 32.35
CA THR D 212 14.08 -15.60 32.92
C THR D 212 14.05 -14.07 33.00
N ALA D 213 14.95 -13.37 32.33
CA ALA D 213 14.80 -11.92 32.18
C ALA D 213 15.06 -11.52 30.75
N GLY D 214 14.42 -12.19 29.79
CA GLY D 214 14.42 -11.69 28.44
C GLY D 214 15.69 -11.87 27.63
N VAL D 215 15.96 -13.07 27.13
CA VAL D 215 16.99 -13.23 26.11
C VAL D 215 16.66 -12.36 24.89
N PHE D 216 17.54 -11.42 24.60
CA PHE D 216 17.32 -10.40 23.59
C PHE D 216 18.26 -10.62 22.41
N GLN D 217 18.24 -9.67 21.48
CA GLN D 217 19.17 -9.66 20.36
C GLN D 217 19.43 -8.21 19.99
N SER D 218 20.52 -8.00 19.26
CA SER D 218 20.84 -6.67 18.76
C SER D 218 21.78 -6.81 17.58
N PRO D 219 21.65 -5.98 16.54
CA PRO D 219 22.59 -6.06 15.42
C PRO D 219 23.88 -5.31 15.65
N VAL D 220 24.08 -4.70 16.81
CA VAL D 220 25.33 -3.99 17.06
C VAL D 220 26.46 -4.96 17.34
N LEU D 221 26.15 -6.21 17.70
CA LEU D 221 27.14 -7.26 17.81
C LEU D 221 27.37 -7.85 16.44
N LYS D 222 28.57 -7.63 15.88
CA LYS D 222 28.79 -7.91 14.48
C LYS D 222 28.92 -9.40 14.20
N GLY D 223 29.92 -10.03 14.77
CA GLY D 223 30.22 -11.41 14.40
C GLY D 223 29.36 -12.43 15.13
N LYS D 224 30.02 -13.46 15.67
CA LYS D 224 29.38 -14.42 16.54
C LYS D 224 29.80 -14.07 17.97
N SER D 225 28.85 -13.57 18.76
CA SER D 225 29.16 -13.13 20.11
C SER D 225 27.88 -13.06 20.92
N GLY D 226 28.03 -12.83 22.21
CA GLY D 226 26.91 -12.68 23.10
C GLY D 226 27.37 -12.44 24.52
N VAL D 227 26.71 -11.56 25.24
CA VAL D 227 27.05 -11.30 26.63
C VAL D 227 25.91 -11.77 27.50
N ILE D 228 26.25 -12.06 28.76
CA ILE D 228 25.27 -12.49 29.74
C ILE D 228 25.60 -11.78 31.04
N VAL D 229 24.69 -10.93 31.50
CA VAL D 229 24.84 -10.19 32.73
C VAL D 229 23.70 -10.58 33.65
N ASN D 230 23.81 -10.20 34.91
CA ASN D 230 22.68 -10.23 35.82
C ASN D 230 22.34 -8.81 36.23
N THR D 231 21.05 -8.52 36.29
CA THR D 231 20.60 -7.16 36.53
C THR D 231 20.81 -6.75 37.98
N GLY D 232 20.34 -5.55 38.30
CA GLY D 232 20.43 -5.05 39.66
C GLY D 232 21.04 -3.68 39.71
N ARG D 233 20.40 -2.76 40.43
CA ARG D 233 20.90 -1.39 40.48
C ARG D 233 22.17 -1.28 41.31
N ASN D 234 22.43 -2.24 42.18
CA ASN D 234 23.69 -2.26 42.92
C ASN D 234 24.81 -2.91 42.14
N ASN D 235 24.60 -3.19 40.87
CA ASN D 235 25.56 -3.92 40.08
C ASN D 235 25.92 -3.20 38.78
N LEU D 236 24.94 -2.61 38.10
CA LEU D 236 25.13 -2.09 36.76
C LEU D 236 23.98 -1.16 36.38
N ASP D 237 24.26 0.09 36.04
CA ASP D 237 23.21 1.00 35.60
C ASP D 237 23.80 2.08 34.72
N LEU D 238 22.93 2.73 33.96
CA LEU D 238 23.34 3.82 33.09
C LEU D 238 22.71 5.11 33.58
N ALA D 239 23.46 6.20 33.50
CA ALA D 239 23.05 7.48 34.07
C ALA D 239 22.50 8.36 32.97
N ILE D 240 21.23 8.68 33.06
CA ILE D 240 20.57 9.54 32.10
C ILE D 240 20.71 10.97 32.59
N SER D 241 20.70 11.92 31.67
CA SER D 241 20.72 13.32 32.08
C SER D 241 19.68 14.13 31.33
N GLU D 242 19.38 13.72 30.10
CA GLU D 242 18.38 14.39 29.27
C GLU D 242 18.04 13.45 28.13
N ASP D 243 16.76 13.16 27.97
CA ASP D 243 16.32 12.22 26.97
C ASP D 243 16.08 12.93 25.64
N PHE D 244 15.38 12.25 24.72
CA PHE D 244 15.22 12.70 23.34
C PHE D 244 14.35 13.95 23.29
N GLU D 245 14.99 15.10 23.11
CA GLU D 245 14.31 16.36 22.87
C GLU D 245 14.63 16.82 21.46
N THR D 246 13.71 17.57 20.86
CA THR D 246 13.86 18.03 19.48
C THR D 246 14.18 19.51 19.50
N ALA D 247 15.44 19.85 19.24
CA ALA D 247 15.84 21.25 19.22
C ALA D 247 15.47 21.87 17.87
N TYR D 248 15.62 23.19 17.80
CA TYR D 248 15.30 23.94 16.59
C TYR D 248 16.41 24.96 16.35
N LEU D 249 16.85 25.08 15.11
CA LEU D 249 18.10 25.74 14.80
C LEU D 249 17.94 26.90 13.84
N GLY D 250 16.83 27.62 13.93
CA GLY D 250 16.62 28.77 13.05
C GLY D 250 16.21 28.30 11.69
N GLU D 251 16.78 28.92 10.67
CA GLU D 251 16.47 28.59 9.24
C GLU D 251 17.56 29.18 8.35
N GLU D 252 18.09 28.39 7.42
CA GLU D 252 19.15 28.88 6.50
C GLU D 252 18.88 28.35 5.09
N GLY D 253 18.36 29.20 4.20
CA GLY D 253 18.06 28.78 2.82
C GLY D 253 16.60 28.41 2.65
N MET D 254 15.70 29.17 3.28
CA MET D 254 14.23 28.90 3.19
C MET D 254 13.95 27.42 3.51
N ASN D 255 14.48 26.93 4.62
CA ASN D 255 14.28 25.51 5.04
C ASN D 255 14.20 25.47 6.58
N HIS D 256 13.66 24.40 7.16
CA HIS D 256 13.58 24.36 8.62
C HIS D 256 14.31 23.13 9.11
N PRO D 257 15.51 23.28 9.64
CA PRO D 257 16.21 22.12 10.21
C PRO D 257 15.78 21.86 11.63
N PHE D 258 16.19 20.70 12.15
CA PHE D 258 15.88 20.28 13.50
C PHE D 258 17.01 19.39 13.99
N ARG D 259 16.96 19.04 15.27
CA ARG D 259 17.98 18.17 15.83
C ARG D 259 17.42 17.44 17.05
N VAL D 260 17.54 16.12 17.06
CA VAL D 260 17.18 15.31 18.22
C VAL D 260 18.46 14.86 18.91
N TYR D 261 18.42 14.79 20.23
CA TYR D 261 19.65 14.61 20.98
C TYR D 261 19.34 13.96 22.32
N GLU D 262 20.37 13.34 22.90
CA GLU D 262 20.22 12.55 24.12
C GLU D 262 21.58 12.43 24.78
N THR D 263 21.62 12.66 26.09
CA THR D 263 22.86 12.64 26.86
C THR D 263 22.79 11.50 27.87
N VAL D 264 23.77 10.58 27.82
CA VAL D 264 23.75 9.40 28.67
C VAL D 264 25.16 8.83 28.74
N VAL D 265 25.52 8.28 29.90
CA VAL D 265 26.70 7.45 30.07
C VAL D 265 26.29 6.12 30.65
N LEU D 266 27.21 5.17 30.62
CA LEU D 266 27.03 3.87 31.24
C LEU D 266 28.16 3.65 32.22
N ARG D 267 27.81 3.41 33.49
CA ARG D 267 28.82 3.16 34.51
C ARG D 267 28.64 1.76 35.07
N ILE D 268 29.63 0.91 34.83
CA ILE D 268 29.66 -0.43 35.40
C ILE D 268 30.29 -0.35 36.79
N LYS D 269 29.72 -1.08 37.73
CA LYS D 269 30.21 -1.06 39.11
C LYS D 269 30.96 -2.32 39.49
N ARG D 270 30.36 -3.49 39.33
CA ARG D 270 31.04 -4.75 39.64
C ARG D 270 31.31 -5.49 38.34
N PRO D 271 32.53 -5.47 37.82
CA PRO D 271 32.81 -6.12 36.53
C PRO D 271 32.79 -7.63 36.57
N ALA D 272 32.66 -8.25 37.72
CA ALA D 272 32.54 -9.70 37.81
C ALA D 272 31.11 -10.18 37.65
N ALA D 273 30.21 -9.33 37.17
CA ALA D 273 28.84 -9.72 36.86
C ALA D 273 28.61 -9.92 35.38
N ILE D 274 29.52 -9.48 34.55
CA ILE D 274 29.45 -9.67 33.12
C ILE D 274 30.17 -10.96 32.78
N CYS D 275 29.58 -11.77 31.90
CA CYS D 275 30.27 -12.90 31.28
C CYS D 275 30.11 -12.78 29.78
N THR D 276 31.15 -13.14 29.04
CA THR D 276 31.20 -12.86 27.62
C THR D 276 31.48 -14.13 26.84
N LEU D 277 30.53 -14.53 26.00
CA LEU D 277 30.78 -15.59 25.03
C LEU D 277 31.52 -14.98 23.85
N ILE D 278 32.57 -15.63 23.40
CA ILE D 278 33.59 -14.95 22.62
C ILE D 278 33.84 -15.55 21.23
N ASP D 279 33.45 -16.82 20.98
CA ASP D 279 33.63 -17.53 19.70
C ASP D 279 35.08 -17.53 19.22
N PRO D 280 35.94 -18.38 19.74
CA PRO D 280 37.17 -18.69 18.99
C PRO D 280 36.85 -19.66 17.86
N GLU D 281 36.81 -19.13 16.64
CA GLU D 281 36.65 -19.95 15.45
C GLU D 281 37.97 -20.58 15.02
N GLU D 282 39.07 -20.22 15.68
CA GLU D 282 40.41 -20.68 15.37
C GLU D 282 40.65 -22.06 15.95
N THR E 1 -41.88 -13.15 4.41
CA THR E 1 -42.40 -14.47 4.71
C THR E 1 -41.44 -15.55 4.21
N VAL E 2 -40.38 -15.79 4.98
CA VAL E 2 -39.40 -16.83 4.68
C VAL E 2 -39.49 -17.87 5.79
N GLY E 3 -39.52 -19.14 5.42
CA GLY E 3 -39.78 -20.19 6.38
C GLY E 3 -38.57 -21.00 6.82
N SER E 4 -37.72 -21.40 5.87
CA SER E 4 -36.63 -22.33 6.20
C SER E 4 -35.42 -22.01 5.32
N LEU E 5 -34.50 -21.21 5.87
CA LEU E 5 -33.17 -21.00 5.32
C LEU E 5 -32.13 -21.55 6.30
N ILE E 6 -31.22 -22.37 5.80
CA ILE E 6 -30.18 -22.92 6.66
C ILE E 6 -28.94 -22.02 6.68
N GLN E 7 -28.55 -21.46 5.55
CA GLN E 7 -27.39 -20.57 5.53
C GLN E 7 -27.63 -19.42 4.56
N THR F 1 -13.86 11.38 3.79
CA THR F 1 -14.68 10.44 3.04
C THR F 1 -13.95 9.11 2.90
N VAL F 2 -14.38 8.13 3.68
CA VAL F 2 -13.80 6.78 3.72
C VAL F 2 -14.97 5.83 3.52
N GLY F 3 -14.79 4.53 3.75
CA GLY F 3 -15.85 3.58 3.52
C GLY F 3 -15.43 2.17 3.15
N SER F 4 -14.13 1.91 3.07
CA SER F 4 -13.63 0.53 3.13
C SER F 4 -12.75 0.31 4.36
N LEU F 5 -11.64 1.05 4.49
CA LEU F 5 -10.86 1.26 5.73
C LEU F 5 -10.49 -0.04 6.48
N ILE F 6 -10.11 -1.07 5.73
CA ILE F 6 -9.81 -2.38 6.30
C ILE F 6 -8.53 -2.31 7.13
N GLN F 7 -8.59 -2.85 8.35
CA GLN F 7 -7.43 -3.11 9.18
C GLN F 7 -6.41 -4.00 8.49
N THR G 1 9.92 13.83 34.42
CA THR G 1 10.10 14.50 33.13
C THR G 1 11.03 13.70 32.24
N VAL G 2 11.21 12.42 32.58
CA VAL G 2 12.06 11.55 31.79
C VAL G 2 11.35 11.20 30.49
N GLY G 3 12.12 10.90 29.45
CA GLY G 3 11.54 10.69 28.13
C GLY G 3 10.96 9.31 27.92
N SER G 4 11.81 8.28 27.95
CA SER G 4 11.38 6.91 27.66
C SER G 4 12.07 5.96 28.62
N LEU G 5 11.30 5.37 29.53
CA LEU G 5 11.81 4.36 30.45
C LEU G 5 11.11 3.04 30.15
N ILE G 6 11.87 2.06 29.71
CA ILE G 6 11.38 0.71 29.47
C ILE G 6 11.80 -0.14 30.67
N GLN G 7 11.02 -1.18 30.95
CA GLN G 7 11.20 -2.00 32.15
C GLN G 7 12.53 -2.75 32.20
#